data_2F9P
#
_entry.id   2F9P
#
_cell.length_a   83.30
_cell.length_b   88.23
_cell.length_c   162.87
_cell.angle_alpha   90
_cell.angle_beta   90
_cell.angle_gamma   90
#
_symmetry.space_group_name_H-M   'P 21 21 21'
#
loop_
_entity.id
_entity.type
_entity.pdbx_description
1 polymer 'Tryptase alpha-1'
2 polymer Leupeptin
3 branched alpha-L-fucopyranose-(1-3)-2-acetamido-2-deoxy-beta-D-glucopyranose
4 non-polymer (R,R)-2,3-BUTANEDIOL
5 non-polymer 2-acetamido-2-deoxy-beta-D-glucopyranose
6 water water
#
loop_
_entity_poly.entity_id
_entity_poly.type
_entity_poly.pdbx_seq_one_letter_code
_entity_poly.pdbx_strand_id
1 'polypeptide(L)'
;IVGGQEAPRSKWPWQVSLRVRDRYWMHFCGGSLIHPQWVLTAAHCVGPDVKDLATLRVQLREQHLYYQDQLLPVSRIIVH
PQFYIIQTGADIALLELEEPVNISSRVHTVMLPPASETFPPGMPCWVTGWGDVDNDEPLPPPFPLKQVKVPIMENHICDA
KYHLGAYTGDDVRIIRDDMLCAGNSQRDSCKGDSGGPLVCKVNGTWLQAGVVSWGEGCAQPNRPGIYTRVTYYLDWIHHY
VPKKP
;
A,B,C,D
2 'polypeptide(L)' (ACE)LL(AR7) E,F,G,H
#
loop_
_chem_comp.id
_chem_comp.type
_chem_comp.name
_chem_comp.formula
ACE non-polymer 'ACETYL GROUP' 'C2 H4 O'
AR7 peptide-like amino{[(4S)-4-amino-5,5-dihydroxypentyl]amino}methaniminium 'C6 H17 N4 O2 1'
BU3 non-polymer (R,R)-2,3-BUTANEDIOL 'C4 H10 O2'
FUC L-saccharide, alpha linking alpha-L-fucopyranose 'C6 H12 O5'
NAG D-saccharide, beta linking 2-acetamido-2-deoxy-beta-D-glucopyranose 'C8 H15 N O6'
#
# COMPACT_ATOMS: atom_id res chain seq x y z
N ILE A 1 -10.30 -17.24 -7.51
CA ILE A 1 -10.64 -17.97 -8.76
C ILE A 1 -10.51 -17.01 -9.93
N VAL A 2 -9.71 -17.41 -10.92
CA VAL A 2 -9.50 -16.59 -12.10
C VAL A 2 -10.33 -17.10 -13.28
N GLY A 3 -11.07 -16.21 -13.92
CA GLY A 3 -11.88 -16.59 -15.07
C GLY A 3 -13.16 -17.39 -14.84
N GLY A 4 -13.71 -17.40 -13.64
CA GLY A 4 -14.93 -18.17 -13.47
C GLY A 4 -16.14 -17.29 -13.30
N GLN A 5 -17.10 -17.79 -12.56
CA GLN A 5 -18.28 -17.01 -12.30
C GLN A 5 -18.77 -17.33 -10.91
N GLU A 6 -19.74 -16.53 -10.48
CA GLU A 6 -20.31 -16.71 -9.17
C GLU A 6 -21.00 -18.05 -9.21
N ALA A 7 -20.91 -18.78 -8.10
CA ALA A 7 -21.49 -20.09 -8.01
C ALA A 7 -22.95 -20.06 -7.60
N PRO A 8 -23.78 -20.94 -8.16
CA PRO A 8 -25.20 -20.98 -7.80
C PRO A 8 -25.28 -21.40 -6.33
N ARG A 9 -26.31 -20.95 -5.61
CA ARG A 9 -26.44 -21.32 -4.21
C ARG A 9 -26.47 -22.83 -3.94
N SER A 10 -27.06 -23.59 -4.85
CA SER A 10 -27.17 -25.04 -4.66
C SER A 10 -25.91 -25.85 -5.01
N LYS A 11 -24.83 -25.18 -5.39
CA LYS A 11 -23.62 -25.91 -5.76
C LYS A 11 -22.50 -25.84 -4.72
N TRP A 12 -21.68 -26.89 -4.67
CA TRP A 12 -20.52 -26.98 -3.78
C TRP A 12 -20.86 -26.83 -2.30
N PRO A 13 -21.73 -27.71 -1.79
CA PRO A 13 -22.17 -27.67 -0.39
C PRO A 13 -21.08 -28.00 0.62
N TRP A 14 -19.94 -28.43 0.12
CA TRP A 14 -18.83 -28.85 0.94
C TRP A 14 -17.76 -27.81 1.10
N GLN A 15 -17.87 -26.72 0.38
CA GLN A 15 -16.86 -25.67 0.45
C GLN A 15 -16.87 -25.01 1.81
N VAL A 16 -15.70 -24.80 2.40
CA VAL A 16 -15.67 -24.13 3.68
C VAL A 16 -14.69 -22.97 3.53
N SER A 17 -14.80 -21.97 4.40
CA SER A 17 -13.89 -20.81 4.41
C SER A 17 -13.14 -20.84 5.73
N LEU A 18 -11.83 -20.61 5.75
CA LEU A 18 -11.11 -20.61 7.02
C LEU A 18 -10.89 -19.15 7.42
N ARG A 19 -11.04 -18.85 8.70
CA ARG A 19 -10.93 -17.49 9.16
C ARG A 19 -9.88 -17.30 10.24
N VAL A 20 -9.15 -16.20 10.12
CA VAL A 20 -8.15 -15.87 11.13
C VAL A 20 -8.63 -14.59 11.80
N ARG A 21 -8.39 -14.53 13.10
CA ARG A 21 -8.77 -13.39 13.93
C ARG A 21 -7.93 -12.15 13.62
N ASP A 22 -8.56 -11.11 13.05
CA ASP A 22 -7.88 -9.86 12.73
C ASP A 22 -8.80 -8.72 13.20
N ARG A 23 -9.02 -7.72 12.35
CA ARG A 23 -9.93 -6.65 12.74
C ARG A 23 -11.34 -7.20 12.63
N TYR A 24 -11.43 -8.38 12.01
CA TYR A 24 -12.67 -9.14 11.82
C TYR A 24 -12.22 -10.57 11.52
N TRP A 25 -13.14 -11.51 11.41
CA TRP A 25 -12.75 -12.88 11.09
C TRP A 25 -12.47 -12.98 9.61
N MET A 26 -11.21 -12.69 9.26
CA MET A 26 -10.79 -12.65 7.88
C MET A 26 -10.47 -13.99 7.22
N HIS A 27 -11.00 -14.15 6.01
CA HIS A 27 -10.79 -15.34 5.18
C HIS A 27 -9.33 -15.37 4.75
N PHE A 28 -8.70 -16.54 4.84
CA PHE A 28 -7.31 -16.66 4.39
C PHE A 28 -7.16 -17.93 3.56
N CYS A 29 -8.06 -18.87 3.74
CA CYS A 29 -7.97 -20.12 2.96
C CYS A 29 -9.30 -20.79 2.81
N GLY A 30 -9.39 -21.73 1.85
CA GLY A 30 -10.60 -22.49 1.65
C GLY A 30 -10.37 -23.86 2.27
N GLY A 31 -11.40 -24.70 2.26
CA GLY A 31 -11.29 -26.05 2.81
C GLY A 31 -12.50 -26.82 2.36
N SER A 32 -12.62 -28.10 2.73
CA SER A 32 -13.80 -28.87 2.31
C SER A 32 -14.30 -29.84 3.39
N LEU A 33 -15.62 -29.94 3.51
CA LEU A 33 -16.22 -30.83 4.49
C LEU A 33 -16.22 -32.22 3.88
N ILE A 34 -15.31 -33.08 4.33
CA ILE A 34 -15.24 -34.45 3.84
C ILE A 34 -15.87 -35.47 4.79
N HIS A 35 -16.30 -34.98 5.95
CA HIS A 35 -16.98 -35.80 6.99
C HIS A 35 -17.71 -34.77 7.87
N PRO A 36 -18.86 -35.13 8.45
CA PRO A 36 -19.60 -34.19 9.31
C PRO A 36 -18.77 -33.44 10.34
N GLN A 37 -17.68 -34.05 10.79
CA GLN A 37 -16.84 -33.40 11.80
C GLN A 37 -15.43 -33.08 11.32
N TRP A 38 -15.14 -33.30 10.03
CA TRP A 38 -13.80 -33.02 9.52
C TRP A 38 -13.71 -32.16 8.26
N VAL A 39 -12.77 -31.23 8.27
CA VAL A 39 -12.50 -30.37 7.12
C VAL A 39 -11.10 -30.71 6.56
N LEU A 40 -11.02 -30.87 5.24
CA LEU A 40 -9.75 -31.15 4.56
C LEU A 40 -9.26 -29.80 4.04
N THR A 41 -7.96 -29.54 4.15
CA THR A 41 -7.41 -28.28 3.67
C THR A 41 -5.93 -28.44 3.35
N ALA A 42 -5.24 -27.32 3.15
CA ALA A 42 -3.81 -27.40 2.84
C ALA A 42 -2.98 -27.17 4.05
N ALA A 43 -1.92 -27.95 4.17
CA ALA A 43 -1.00 -27.78 5.28
C ALA A 43 -0.48 -26.36 5.35
N HIS A 44 0.01 -25.81 4.24
CA HIS A 44 0.57 -24.45 4.31
C HIS A 44 -0.40 -23.38 4.83
N CYS A 45 -1.71 -23.67 4.79
CA CYS A 45 -2.71 -22.72 5.28
C CYS A 45 -2.68 -22.62 6.79
N VAL A 46 -2.39 -23.74 7.45
N VAL A 46 -2.39 -23.72 7.46
CA VAL A 46 -2.32 -23.79 8.90
CA VAL A 46 -2.37 -23.70 8.93
C VAL A 46 -0.86 -23.72 9.36
C VAL A 46 -1.06 -24.10 9.54
N GLY A 47 0.04 -23.43 8.40
N GLY A 47 0.02 -23.70 8.90
CA GLY A 47 1.44 -23.34 8.71
CA GLY A 47 1.33 -24.02 9.42
C GLY A 47 1.89 -21.91 8.91
C GLY A 47 2.36 -23.53 8.42
N PRO A 48 3.20 -21.65 9.15
N PRO A 48 3.55 -24.15 8.39
CA PRO A 48 4.25 -22.66 9.23
CA PRO A 48 3.93 -25.27 9.26
C PRO A 48 4.35 -23.29 10.60
C PRO A 48 4.03 -24.93 10.76
N ASP A 49 3.86 -22.56 11.59
N ASP A 49 3.82 -23.66 11.11
CA ASP A 49 3.97 -23.03 12.96
CA ASP A 49 3.85 -23.21 12.50
C ASP A 49 2.67 -23.51 13.60
C ASP A 49 2.59 -23.65 13.26
N VAL A 50 2.79 -24.20 14.72
N VAL A 50 2.80 -24.23 14.45
CA VAL A 50 1.63 -24.71 15.43
CA VAL A 50 1.68 -24.67 15.29
C VAL A 50 0.74 -23.54 15.79
C VAL A 50 0.81 -23.46 15.64
N LYS A 51 -0.43 -23.50 15.18
CA LYS A 51 -1.37 -22.42 15.43
C LYS A 51 -2.11 -22.49 16.74
N ASP A 52 -2.41 -21.32 17.30
CA ASP A 52 -3.21 -21.24 18.51
C ASP A 52 -4.63 -21.34 17.96
N LEU A 53 -5.36 -22.37 18.35
CA LEU A 53 -6.72 -22.58 17.85
C LEU A 53 -7.68 -21.42 18.11
N ALA A 54 -7.43 -20.64 19.14
CA ALA A 54 -8.30 -19.52 19.47
C ALA A 54 -8.35 -18.46 18.36
N THR A 55 -7.35 -18.46 17.47
CA THR A 55 -7.31 -17.47 16.39
C THR A 55 -7.90 -17.99 15.08
N LEU A 56 -8.54 -19.14 15.14
CA LEU A 56 -9.07 -19.76 13.94
C LEU A 56 -10.53 -20.13 14.01
N ARG A 57 -11.22 -20.04 12.88
CA ARG A 57 -12.61 -20.43 12.81
C ARG A 57 -12.92 -21.00 11.44
N VAL A 58 -13.98 -21.80 11.38
CA VAL A 58 -14.44 -22.40 10.14
C VAL A 58 -15.81 -21.85 9.79
N GLN A 59 -16.03 -21.59 8.50
CA GLN A 59 -17.32 -21.09 8.02
C GLN A 59 -17.79 -22.05 6.94
N LEU A 60 -18.92 -22.69 7.17
CA LEU A 60 -19.44 -23.65 6.20
C LEU A 60 -20.11 -22.89 5.07
N ARG A 61 -20.41 -23.62 4.00
CA ARG A 61 -21.02 -23.05 2.81
C ARG A 61 -21.89 -21.83 3.01
N GLU A 62 -21.47 -20.73 2.40
CA GLU A 62 -22.24 -19.49 2.44
C GLU A 62 -22.05 -18.92 1.05
N GLN A 63 -22.98 -18.08 0.62
CA GLN A 63 -22.90 -17.51 -0.72
C GLN A 63 -21.95 -16.31 -0.74
N HIS A 64 -21.96 -15.52 0.34
CA HIS A 64 -21.11 -14.35 0.44
C HIS A 64 -20.33 -14.38 1.74
N LEU A 65 -19.07 -13.97 1.70
CA LEU A 65 -18.24 -13.97 2.91
C LEU A 65 -18.58 -12.86 3.89
N TYR A 66 -18.69 -13.22 5.17
CA TYR A 66 -18.95 -12.28 6.27
C TYR A 66 -20.41 -11.90 6.48
N TYR A 67 -21.22 -11.99 5.45
CA TYR A 67 -22.62 -11.62 5.55
C TYR A 67 -23.48 -12.43 6.53
N GLN A 68 -23.53 -13.74 6.37
CA GLN A 68 -24.35 -14.54 7.28
C GLN A 68 -23.51 -15.53 8.08
N ASP A 69 -22.36 -15.07 8.57
CA ASP A 69 -21.46 -15.92 9.32
C ASP A 69 -22.02 -16.65 10.54
N GLN A 70 -21.63 -17.92 10.67
CA GLN A 70 -21.98 -18.78 11.80
C GLN A 70 -20.68 -19.54 11.98
N LEU A 71 -19.72 -18.88 12.62
CA LEU A 71 -18.38 -19.44 12.81
C LEU A 71 -18.27 -20.64 13.75
N LEU A 72 -17.45 -21.59 13.35
CA LEU A 72 -17.28 -22.81 14.14
C LEU A 72 -15.86 -22.99 14.67
N PRO A 73 -15.72 -23.29 15.97
CA PRO A 73 -14.37 -23.48 16.53
C PRO A 73 -13.77 -24.79 16.05
N VAL A 74 -12.44 -24.87 16.06
CA VAL A 74 -11.72 -26.05 15.63
C VAL A 74 -11.14 -26.79 16.83
N SER A 75 -11.47 -28.06 16.95
CA SER A 75 -11.00 -28.89 18.05
C SER A 75 -9.50 -29.20 17.95
N ARG A 76 -9.07 -29.67 16.78
CA ARG A 76 -7.66 -29.97 16.58
C ARG A 76 -7.25 -29.85 15.12
N ILE A 77 -5.96 -29.63 14.91
CA ILE A 77 -5.40 -29.49 13.58
C ILE A 77 -4.35 -30.57 13.39
N ILE A 78 -4.47 -31.33 12.32
CA ILE A 78 -3.50 -32.36 12.03
C ILE A 78 -2.88 -32.08 10.67
N VAL A 79 -1.59 -31.72 10.68
CA VAL A 79 -0.85 -31.44 9.45
C VAL A 79 0.01 -32.64 9.08
N HIS A 80 -0.02 -33.05 7.82
CA HIS A 80 0.80 -34.19 7.41
C HIS A 80 2.21 -33.93 7.92
N PRO A 81 2.79 -34.92 8.62
CA PRO A 81 4.14 -34.78 9.17
C PRO A 81 5.29 -34.61 8.16
N GLN A 82 5.09 -35.06 6.93
CA GLN A 82 6.13 -34.90 5.92
C GLN A 82 6.16 -33.47 5.41
N PHE A 83 5.23 -32.63 5.88
CA PHE A 83 5.19 -31.25 5.43
C PHE A 83 6.16 -30.29 6.14
N TYR A 84 6.78 -29.38 5.39
CA TYR A 84 7.64 -28.40 6.03
C TYR A 84 7.76 -27.09 5.26
N ILE A 85 8.21 -26.04 5.94
CA ILE A 85 8.34 -24.70 5.36
C ILE A 85 9.14 -24.74 4.08
N ILE A 86 8.78 -23.86 3.14
CA ILE A 86 9.47 -23.79 1.85
C ILE A 86 9.65 -25.17 1.23
N GLN A 87 8.54 -25.77 0.85
CA GLN A 87 8.52 -27.08 0.22
C GLN A 87 7.04 -27.20 -0.04
N THR A 88 6.69 -27.74 -1.18
CA THR A 88 5.30 -27.86 -1.56
C THR A 88 4.75 -29.27 -1.48
N GLY A 89 5.60 -30.27 -1.22
CA GLY A 89 5.11 -31.64 -1.14
C GLY A 89 4.31 -31.91 0.13
N ALA A 90 3.46 -32.93 0.10
CA ALA A 90 2.66 -33.27 1.30
C ALA A 90 1.88 -32.06 1.83
N ASP A 91 1.41 -31.20 0.95
CA ASP A 91 0.66 -30.03 1.40
C ASP A 91 -0.80 -30.42 1.60
N ILE A 92 -1.09 -30.97 2.78
CA ILE A 92 -2.43 -31.45 3.11
C ILE A 92 -2.63 -31.46 4.62
N ALA A 93 -3.83 -31.11 5.08
CA ALA A 93 -4.11 -31.08 6.53
C ALA A 93 -5.56 -31.32 6.86
N LEU A 94 -5.83 -31.59 8.14
CA LEU A 94 -7.16 -31.89 8.64
C LEU A 94 -7.61 -31.04 9.83
N LEU A 95 -8.86 -30.61 9.80
CA LEU A 95 -9.41 -29.83 10.87
C LEU A 95 -10.58 -30.59 11.50
N GLU A 96 -10.46 -30.92 12.78
CA GLU A 96 -11.56 -31.58 13.46
C GLU A 96 -12.46 -30.51 14.08
N LEU A 97 -13.73 -30.46 13.68
CA LEU A 97 -14.62 -29.47 14.29
C LEU A 97 -14.93 -29.97 15.71
N GLU A 98 -15.38 -29.05 16.57
CA GLU A 98 -15.69 -29.42 17.94
C GLU A 98 -16.95 -30.26 17.96
N GLU A 99 -17.78 -30.06 16.94
CA GLU A 99 -19.05 -30.76 16.84
C GLU A 99 -19.32 -31.17 15.42
N PRO A 100 -19.99 -32.31 15.22
CA PRO A 100 -20.29 -32.71 13.83
C PRO A 100 -21.36 -31.74 13.36
N VAL A 101 -21.31 -31.34 12.09
CA VAL A 101 -22.33 -30.41 11.62
C VAL A 101 -23.57 -31.12 11.12
N ASN A 102 -24.67 -30.37 11.11
CA ASN A 102 -25.94 -30.90 10.64
C ASN A 102 -25.86 -30.99 9.14
N ILE A 103 -25.99 -32.20 8.62
CA ILE A 103 -25.92 -32.38 7.17
C ILE A 103 -27.27 -32.03 6.53
N SER A 104 -27.20 -31.30 5.43
CA SER A 104 -28.40 -30.94 4.69
C SER A 104 -28.07 -30.91 3.20
N SER A 105 -29.04 -30.58 2.38
CA SER A 105 -28.80 -30.56 0.95
C SER A 105 -28.02 -29.30 0.61
N ARG A 106 -28.10 -28.31 1.49
CA ARG A 106 -27.39 -27.07 1.28
C ARG A 106 -26.00 -27.15 1.88
N VAL A 107 -25.79 -28.09 2.81
CA VAL A 107 -24.48 -28.22 3.43
C VAL A 107 -24.12 -29.66 3.77
N HIS A 108 -23.33 -30.31 2.92
CA HIS A 108 -22.93 -31.67 3.21
C HIS A 108 -21.55 -31.98 2.68
N THR A 109 -21.04 -33.16 2.99
CA THR A 109 -19.70 -33.56 2.57
C THR A 109 -19.50 -33.88 1.08
N VAL A 110 -18.23 -33.91 0.69
CA VAL A 110 -17.86 -34.28 -0.67
C VAL A 110 -17.19 -35.64 -0.59
N MET A 111 -17.45 -36.46 -1.58
CA MET A 111 -16.88 -37.79 -1.63
C MET A 111 -15.42 -37.82 -2.04
N LEU A 112 -14.63 -38.63 -1.35
CA LEU A 112 -13.23 -38.79 -1.68
C LEU A 112 -13.17 -39.86 -2.72
N PRO A 113 -12.24 -39.76 -3.65
CA PRO A 113 -12.12 -40.76 -4.70
C PRO A 113 -11.46 -42.06 -4.24
N PRO A 114 -11.66 -43.13 -5.03
CA PRO A 114 -11.07 -44.43 -4.73
C PRO A 114 -9.58 -44.32 -5.12
N ALA A 115 -8.73 -45.09 -4.47
CA ALA A 115 -7.29 -45.04 -4.74
C ALA A 115 -6.91 -45.18 -6.22
N SER A 116 -7.75 -45.86 -7.00
CA SER A 116 -7.46 -46.12 -8.41
C SER A 116 -7.75 -44.99 -9.39
N GLU A 117 -8.52 -43.98 -8.98
CA GLU A 117 -8.84 -42.87 -9.87
C GLU A 117 -7.64 -41.94 -10.13
N THR A 118 -7.25 -41.82 -11.41
CA THR A 118 -6.12 -41.00 -11.80
C THR A 118 -6.50 -39.57 -12.24
N PHE A 119 -7.78 -39.33 -12.49
CA PHE A 119 -8.24 -38.02 -12.92
C PHE A 119 -7.42 -37.58 -14.13
N PRO A 120 -7.51 -38.33 -15.23
CA PRO A 120 -6.76 -38.04 -16.45
C PRO A 120 -7.30 -36.87 -17.26
N PRO A 121 -6.48 -36.32 -18.14
CA PRO A 121 -6.91 -35.19 -18.98
C PRO A 121 -8.29 -35.42 -19.61
N GLY A 122 -9.08 -34.36 -19.70
CA GLY A 122 -10.41 -34.46 -20.29
C GLY A 122 -11.51 -34.56 -19.26
N MET A 123 -11.13 -34.90 -18.03
CA MET A 123 -12.09 -35.02 -16.97
C MET A 123 -12.69 -33.65 -16.72
N PRO A 124 -14.01 -33.58 -16.52
CA PRO A 124 -14.58 -32.25 -16.29
C PRO A 124 -14.40 -31.91 -14.80
N CYS A 125 -13.65 -30.87 -14.50
CA CYS A 125 -13.45 -30.53 -13.09
C CYS A 125 -13.62 -29.05 -12.81
N TRP A 126 -14.03 -28.75 -11.59
CA TRP A 126 -14.20 -27.38 -11.14
C TRP A 126 -13.39 -27.15 -9.88
N VAL A 127 -12.86 -25.93 -9.74
CA VAL A 127 -12.18 -25.55 -8.52
C VAL A 127 -12.97 -24.36 -8.03
N THR A 128 -13.17 -24.25 -6.71
CA THR A 128 -13.97 -23.17 -6.15
C THR A 128 -13.30 -22.41 -5.03
N GLY A 129 -13.73 -21.17 -4.82
CA GLY A 129 -13.11 -20.41 -3.74
C GLY A 129 -13.43 -18.95 -3.75
N TRP A 130 -12.86 -18.27 -2.76
CA TRP A 130 -13.07 -16.85 -2.57
C TRP A 130 -11.79 -16.10 -2.77
N GLY A 131 -10.86 -16.70 -3.50
CA GLY A 131 -9.57 -16.05 -3.72
C GLY A 131 -9.53 -14.95 -4.78
N ASP A 132 -8.31 -14.53 -5.10
CA ASP A 132 -8.09 -13.47 -6.08
C ASP A 132 -8.66 -13.77 -7.45
N VAL A 133 -9.23 -12.77 -8.12
CA VAL A 133 -9.81 -13.00 -9.44
C VAL A 133 -8.81 -12.82 -10.57
N ASP A 134 -7.58 -12.48 -10.18
CA ASP A 134 -6.44 -12.33 -11.08
C ASP A 134 -5.24 -11.96 -10.21
N ASN A 135 -4.05 -11.93 -10.82
CA ASN A 135 -2.86 -11.60 -10.06
C ASN A 135 -2.97 -10.25 -9.34
N ASP A 136 -2.77 -10.27 -8.03
CA ASP A 136 -2.87 -9.06 -7.21
C ASP A 136 -4.22 -8.37 -7.32
N GLU A 137 -5.28 -9.14 -7.52
CA GLU A 137 -6.61 -8.57 -7.62
C GLU A 137 -7.54 -9.39 -6.78
N PRO A 138 -7.81 -8.95 -5.53
CA PRO A 138 -8.69 -9.71 -4.66
C PRO A 138 -10.15 -9.71 -5.10
N LEU A 139 -10.87 -10.74 -4.66
CA LEU A 139 -12.29 -10.84 -4.93
C LEU A 139 -12.91 -9.57 -4.35
N PRO A 140 -13.75 -8.86 -5.11
CA PRO A 140 -14.35 -7.63 -4.59
C PRO A 140 -15.63 -7.88 -3.81
N PRO A 141 -16.04 -6.90 -2.98
CA PRO A 141 -17.29 -7.07 -2.23
C PRO A 141 -18.39 -7.29 -3.27
N PRO A 142 -19.46 -8.05 -2.95
CA PRO A 142 -19.79 -8.73 -1.70
C PRO A 142 -19.18 -10.12 -1.46
N PHE A 143 -18.08 -10.40 -2.15
CA PHE A 143 -17.33 -11.66 -1.97
C PHE A 143 -18.11 -12.93 -2.29
N PRO A 144 -18.73 -13.01 -3.48
CA PRO A 144 -19.47 -14.23 -3.81
C PRO A 144 -18.53 -15.42 -4.03
N LEU A 145 -18.96 -16.62 -3.67
CA LEU A 145 -18.15 -17.81 -3.91
C LEU A 145 -18.04 -18.00 -5.43
N LYS A 146 -16.83 -18.24 -5.96
CA LYS A 146 -16.68 -18.43 -7.40
C LYS A 146 -16.28 -19.87 -7.81
N GLN A 147 -16.53 -20.22 -9.07
CA GLN A 147 -16.18 -21.53 -9.59
C GLN A 147 -15.61 -21.37 -11.02
N VAL A 148 -14.75 -22.29 -11.43
CA VAL A 148 -14.22 -22.21 -12.77
C VAL A 148 -13.82 -23.62 -13.20
N LYS A 149 -14.21 -23.99 -14.42
CA LYS A 149 -13.86 -25.32 -14.93
C LYS A 149 -12.37 -25.25 -15.29
N VAL A 150 -11.57 -26.22 -14.86
CA VAL A 150 -10.15 -26.18 -15.19
C VAL A 150 -9.68 -27.47 -15.85
N PRO A 151 -8.98 -27.36 -16.98
CA PRO A 151 -8.50 -28.58 -17.63
C PRO A 151 -7.38 -29.26 -16.88
N ILE A 152 -7.43 -30.58 -16.83
CA ILE A 152 -6.42 -31.38 -16.17
C ILE A 152 -5.25 -31.55 -17.15
N MET A 153 -4.02 -31.52 -16.64
CA MET A 153 -2.84 -31.77 -17.47
C MET A 153 -2.12 -32.93 -16.77
N GLU A 154 -1.80 -33.97 -17.54
CA GLU A 154 -1.10 -35.16 -17.03
C GLU A 154 0.20 -34.74 -16.37
N ASN A 155 0.54 -35.39 -15.25
CA ASN A 155 1.72 -35.01 -14.47
C ASN A 155 3.02 -34.73 -15.23
N HIS A 156 3.42 -35.65 -16.10
CA HIS A 156 4.64 -35.47 -16.87
C HIS A 156 4.59 -34.28 -17.86
N ILE A 157 3.46 -34.09 -18.53
CA ILE A 157 3.30 -32.97 -19.47
C ILE A 157 3.43 -31.68 -18.65
N CYS A 158 2.83 -31.70 -17.47
CA CYS A 158 2.85 -30.58 -16.56
C CYS A 158 4.27 -30.29 -16.12
N ASP A 159 4.98 -31.34 -15.72
CA ASP A 159 6.35 -31.22 -15.28
C ASP A 159 7.16 -30.54 -16.37
N ALA A 160 6.98 -31.00 -17.60
CA ALA A 160 7.69 -30.40 -18.72
C ALA A 160 7.30 -28.94 -18.96
N LYS A 161 6.08 -28.55 -18.64
CA LYS A 161 5.67 -27.17 -18.85
C LYS A 161 6.52 -26.30 -17.92
N TYR A 162 6.53 -26.70 -16.65
CA TYR A 162 7.26 -26.00 -15.63
C TYR A 162 8.76 -25.87 -15.87
N HIS A 163 9.32 -26.67 -16.79
CA HIS A 163 10.75 -26.56 -17.11
C HIS A 163 10.96 -25.57 -18.25
N LEU A 164 9.87 -25.20 -18.91
CA LEU A 164 9.95 -24.25 -20.01
C LEU A 164 10.24 -22.86 -19.46
N GLY A 165 11.34 -22.27 -19.92
CA GLY A 165 11.71 -20.95 -19.50
C GLY A 165 12.20 -20.91 -18.07
N ALA A 166 12.69 -22.05 -17.60
CA ALA A 166 13.22 -22.15 -16.24
C ALA A 166 14.67 -22.67 -16.30
N TYR A 167 15.43 -22.51 -15.23
CA TYR A 167 16.83 -22.96 -15.22
C TYR A 167 16.94 -24.40 -14.75
N THR A 168 15.89 -24.86 -14.11
CA THR A 168 15.86 -26.19 -13.57
C THR A 168 16.22 -27.25 -14.60
N GLY A 169 17.00 -28.23 -14.17
CA GLY A 169 17.42 -29.30 -15.07
C GLY A 169 16.30 -30.24 -15.51
N ASP A 170 16.34 -30.61 -16.79
CA ASP A 170 15.34 -31.53 -17.37
C ASP A 170 15.13 -32.79 -16.55
N ASP A 171 16.20 -33.25 -15.92
CA ASP A 171 16.15 -34.47 -15.12
C ASP A 171 15.65 -34.19 -13.71
N VAL A 172 15.58 -32.92 -13.34
CA VAL A 172 15.09 -32.55 -12.02
C VAL A 172 13.57 -32.46 -12.05
N ARG A 173 12.92 -33.30 -11.27
CA ARG A 173 11.45 -33.33 -11.22
C ARG A 173 10.87 -32.17 -10.41
N ILE A 174 9.92 -31.46 -11.02
CA ILE A 174 9.29 -30.37 -10.34
C ILE A 174 7.91 -30.80 -9.86
N ILE A 175 7.15 -31.48 -10.70
CA ILE A 175 5.81 -31.95 -10.30
C ILE A 175 5.99 -33.37 -9.82
N ARG A 176 5.57 -33.67 -8.59
CA ARG A 176 5.72 -35.02 -8.02
C ARG A 176 4.45 -35.88 -8.04
N ASP A 177 4.57 -37.17 -7.71
CA ASP A 177 3.43 -38.07 -7.75
C ASP A 177 2.25 -37.69 -6.83
N ASP A 178 2.51 -36.92 -5.78
CA ASP A 178 1.46 -36.53 -4.84
C ASP A 178 0.81 -35.23 -5.29
N MET A 179 1.12 -34.85 -6.53
CA MET A 179 0.56 -33.65 -7.14
C MET A 179 -0.32 -33.96 -8.34
N LEU A 180 -1.11 -32.94 -8.72
CA LEU A 180 -2.03 -33.01 -9.84
C LEU A 180 -2.10 -31.62 -10.44
N CYS A 181 -2.20 -31.55 -11.75
CA CYS A 181 -2.22 -30.24 -12.41
C CYS A 181 -3.51 -29.92 -13.13
N ALA A 182 -4.03 -28.70 -12.94
CA ALA A 182 -5.23 -28.24 -13.65
C ALA A 182 -5.20 -26.72 -13.84
N GLY A 183 -5.78 -26.28 -14.95
CA GLY A 183 -5.85 -24.86 -15.24
C GLY A 183 -5.10 -24.44 -16.50
N ASN A 184 -5.43 -23.26 -17.02
CA ASN A 184 -4.73 -22.76 -18.18
C ASN A 184 -4.63 -21.25 -18.04
N SER A 185 -4.21 -20.57 -19.11
CA SER A 185 -4.03 -19.12 -19.06
C SER A 185 -5.32 -18.35 -18.96
N GLN A 186 -6.43 -19.07 -18.90
CA GLN A 186 -7.71 -18.39 -18.80
C GLN A 186 -8.38 -18.76 -17.53
N ARG A 187 -8.17 -19.98 -17.06
CA ARG A 187 -8.87 -20.42 -15.88
C ARG A 187 -7.97 -21.10 -14.88
N ASP A 188 -8.11 -20.72 -13.62
CA ASP A 188 -7.23 -21.24 -12.59
C ASP A 188 -7.72 -20.79 -11.22
N SER A 189 -7.08 -21.32 -10.18
CA SER A 189 -7.38 -20.87 -8.82
C SER A 189 -6.27 -19.85 -8.56
N CYS A 190 -6.22 -19.26 -7.38
CA CYS A 190 -5.21 -18.23 -7.10
C CYS A 190 -5.14 -18.00 -5.59
N LYS A 191 -4.31 -17.05 -5.17
CA LYS A 191 -4.16 -16.68 -3.76
C LYS A 191 -5.55 -16.60 -3.11
N GLY A 192 -5.71 -17.26 -1.95
CA GLY A 192 -6.98 -17.22 -1.28
C GLY A 192 -7.86 -18.43 -1.54
N ASP A 193 -7.57 -19.19 -2.61
CA ASP A 193 -8.33 -20.40 -2.95
C ASP A 193 -7.70 -21.58 -2.26
N SER A 194 -6.43 -21.40 -1.92
CA SER A 194 -5.62 -22.40 -1.23
C SER A 194 -6.41 -23.23 -0.24
N GLY A 195 -6.14 -24.54 -0.24
CA GLY A 195 -6.84 -25.45 0.65
C GLY A 195 -8.22 -25.81 0.17
N GLY A 196 -8.71 -25.10 -0.84
CA GLY A 196 -10.03 -25.39 -1.37
C GLY A 196 -10.08 -26.66 -2.20
N PRO A 197 -11.28 -27.07 -2.65
CA PRO A 197 -11.36 -28.27 -3.47
C PRO A 197 -11.41 -28.14 -4.98
N LEU A 198 -10.83 -29.15 -5.63
CA LEU A 198 -10.87 -29.30 -7.06
C LEU A 198 -11.73 -30.58 -7.10
N VAL A 199 -12.92 -30.49 -7.69
CA VAL A 199 -13.77 -31.66 -7.75
C VAL A 199 -14.08 -31.98 -9.17
N CYS A 200 -14.15 -33.27 -9.47
CA CYS A 200 -14.44 -33.70 -10.82
C CYS A 200 -15.69 -34.56 -10.80
N LYS A 201 -16.41 -34.49 -11.91
CA LYS A 201 -17.64 -35.23 -12.10
C LYS A 201 -17.25 -36.57 -12.72
N VAL A 202 -17.29 -37.63 -11.93
CA VAL A 202 -16.92 -38.96 -12.43
C VAL A 202 -18.12 -39.90 -12.33
N ASN A 203 -18.55 -40.42 -13.48
CA ASN A 203 -19.69 -41.33 -13.55
C ASN A 203 -20.88 -40.86 -12.70
N GLY A 204 -21.34 -39.65 -12.97
CA GLY A 204 -22.46 -39.10 -12.23
C GLY A 204 -22.18 -38.64 -10.82
N THR A 205 -20.96 -38.85 -10.32
CA THR A 205 -20.65 -38.42 -8.96
C THR A 205 -19.50 -37.42 -8.81
N TRP A 206 -19.65 -36.48 -7.90
CA TRP A 206 -18.60 -35.49 -7.63
C TRP A 206 -17.56 -36.10 -6.69
N LEU A 207 -16.30 -36.08 -7.12
CA LEU A 207 -15.20 -36.61 -6.32
C LEU A 207 -14.14 -35.53 -6.13
N GLN A 208 -13.62 -35.38 -4.93
CA GLN A 208 -12.60 -34.36 -4.73
C GLN A 208 -11.26 -34.93 -5.17
N ALA A 209 -10.76 -34.41 -6.28
CA ALA A 209 -9.50 -34.82 -6.87
C ALA A 209 -8.31 -34.11 -6.21
N GLY A 210 -8.48 -32.84 -5.86
CA GLY A 210 -7.36 -32.13 -5.28
C GLY A 210 -7.66 -31.00 -4.34
N VAL A 211 -6.59 -30.54 -3.71
CA VAL A 211 -6.62 -29.44 -2.74
C VAL A 211 -5.76 -28.33 -3.32
N VAL A 212 -6.31 -27.11 -3.45
CA VAL A 212 -5.53 -26.01 -4.02
C VAL A 212 -4.23 -25.82 -3.24
N SER A 213 -3.11 -25.91 -3.93
CA SER A 213 -1.82 -25.77 -3.25
C SER A 213 -0.92 -24.65 -3.72
N TRP A 214 -0.44 -24.72 -4.95
CA TRP A 214 0.46 -23.66 -5.40
C TRP A 214 0.49 -23.61 -6.90
N GLY A 215 1.32 -22.71 -7.40
CA GLY A 215 1.47 -22.52 -8.83
C GLY A 215 2.31 -21.27 -9.03
N GLU A 216 2.90 -21.11 -10.20
CA GLU A 216 3.70 -19.92 -10.51
C GLU A 216 2.73 -18.90 -11.07
N GLY A 217 2.43 -17.87 -10.29
CA GLY A 217 1.48 -16.88 -10.75
C GLY A 217 0.10 -17.52 -10.75
N CYS A 218 -0.85 -16.86 -11.39
CA CYS A 218 -2.22 -17.34 -11.46
C CYS A 218 -2.66 -17.22 -12.90
N ALA A 219 -3.05 -18.33 -13.51
CA ALA A 219 -3.48 -18.34 -14.92
C ALA A 219 -2.34 -17.85 -15.81
N GLN A 220 -1.11 -18.18 -15.44
CA GLN A 220 0.05 -17.76 -16.22
C GLN A 220 0.33 -18.83 -17.28
N PRO A 221 0.75 -18.42 -18.48
CA PRO A 221 1.05 -19.33 -19.59
C PRO A 221 2.03 -20.43 -19.22
N ASN A 222 1.69 -21.65 -19.62
CA ASN A 222 2.56 -22.79 -19.35
C ASN A 222 2.81 -23.05 -17.86
N ARG A 223 1.94 -22.51 -17.00
CA ARG A 223 2.07 -22.72 -15.55
C ARG A 223 0.75 -23.05 -14.93
N PRO A 224 0.25 -24.27 -15.17
CA PRO A 224 -1.02 -24.73 -14.62
C PRO A 224 -0.99 -24.75 -13.08
N GLY A 225 -2.15 -24.64 -12.45
CA GLY A 225 -2.19 -24.67 -10.99
C GLY A 225 -1.83 -26.05 -10.47
N ILE A 226 -1.17 -26.12 -9.31
CA ILE A 226 -0.79 -27.41 -8.76
C ILE A 226 -1.62 -27.74 -7.53
N TYR A 227 -2.17 -28.94 -7.53
CA TYR A 227 -3.01 -29.35 -6.42
C TYR A 227 -2.41 -30.56 -5.75
N THR A 228 -2.76 -30.73 -4.47
CA THR A 228 -2.32 -31.89 -3.73
C THR A 228 -3.28 -32.96 -4.21
N ARG A 229 -2.73 -34.08 -4.68
CA ARG A 229 -3.55 -35.16 -5.21
C ARG A 229 -4.12 -35.95 -4.05
N VAL A 230 -5.44 -35.90 -3.90
CA VAL A 230 -6.10 -36.57 -2.79
C VAL A 230 -5.93 -38.09 -2.68
N THR A 231 -5.96 -38.80 -3.80
CA THR A 231 -5.83 -40.24 -3.74
C THR A 231 -4.55 -40.67 -3.07
N TYR A 232 -3.48 -39.93 -3.34
CA TYR A 232 -2.19 -40.25 -2.80
C TYR A 232 -2.12 -40.28 -1.25
N TYR A 233 -3.02 -39.55 -0.61
CA TYR A 233 -3.05 -39.45 0.85
C TYR A 233 -4.26 -40.11 1.51
N LEU A 234 -4.96 -40.98 0.80
CA LEU A 234 -6.14 -41.61 1.39
C LEU A 234 -5.85 -42.41 2.68
N ASP A 235 -4.73 -43.11 2.77
CA ASP A 235 -4.47 -43.87 4.00
C ASP A 235 -4.20 -42.96 5.20
N TRP A 236 -3.57 -41.83 4.96
CA TRP A 236 -3.28 -40.88 6.02
C TRP A 236 -4.56 -40.24 6.51
N ILE A 237 -5.42 -39.89 5.56
CA ILE A 237 -6.68 -39.26 5.87
C ILE A 237 -7.57 -40.19 6.66
N HIS A 238 -7.64 -41.44 6.21
CA HIS A 238 -8.46 -42.43 6.86
C HIS A 238 -7.91 -42.90 8.20
N HIS A 239 -6.71 -42.45 8.53
CA HIS A 239 -6.12 -42.83 9.80
C HIS A 239 -6.80 -41.96 10.87
N TYR A 240 -7.43 -40.87 10.44
CA TYR A 240 -8.09 -39.94 11.35
C TYR A 240 -9.58 -39.79 11.13
N VAL A 241 -9.97 -39.68 9.87
CA VAL A 241 -11.37 -39.47 9.54
C VAL A 241 -12.12 -40.78 9.40
N PRO A 242 -13.17 -40.97 10.22
CA PRO A 242 -13.99 -42.18 10.20
C PRO A 242 -14.58 -42.44 8.83
N LYS A 243 -15.03 -43.66 8.62
CA LYS A 243 -15.63 -44.09 7.37
C LYS A 243 -17.14 -43.88 7.40
C ACE B 1 2.88 -16.62 -6.05
O ACE B 1 2.91 -16.89 -7.25
CH3 ACE B 1 2.54 -15.24 -5.57
N LEU B 2 3.15 -17.52 -5.11
CA LEU B 2 3.49 -18.90 -5.43
C LEU B 2 2.55 -19.82 -4.63
N LEU B 3 2.69 -19.82 -3.31
CA LEU B 3 1.76 -20.64 -2.52
C LEU B 3 0.40 -19.95 -2.65
N AR7 B 4 -0.66 -20.75 -2.76
CA AR7 B 4 -2.00 -20.20 -2.88
C AR7 B 4 -2.80 -20.35 -1.57
O AR7 B 4 -2.00 -19.91 -0.47
CB AR7 B 4 -2.71 -20.86 -4.05
CG AR7 B 4 -2.11 -20.49 -5.37
CD AR7 B 4 -2.76 -21.23 -6.53
NE AR7 B 4 -2.14 -20.83 -7.81
CZ AR7 B 4 -2.43 -21.37 -8.99
NH1 AR7 B 4 -3.32 -22.37 -9.09
NH2 AR7 B 4 -1.81 -20.91 -10.08
N ILE C 1 -17.74 6.13 11.02
CA ILE C 1 -18.39 6.78 12.20
C ILE C 1 -17.49 6.34 13.35
N VAL C 2 -17.09 7.30 14.18
CA VAL C 2 -16.21 7.01 15.32
C VAL C 2 -16.99 6.91 16.64
N GLY C 3 -16.76 5.84 17.40
CA GLY C 3 -17.39 5.66 18.70
C GLY C 3 -18.86 5.32 18.74
N GLY C 4 -19.42 4.82 17.65
CA GLY C 4 -20.83 4.51 17.71
C GLY C 4 -21.10 3.03 17.74
N GLN C 5 -22.31 2.67 17.35
CA GLN C 5 -22.67 1.27 17.31
C GLN C 5 -23.41 1.04 16.01
N GLU C 6 -23.65 -0.23 15.70
CA GLU C 6 -24.37 -0.56 14.50
C GLU C 6 -25.80 -0.08 14.65
N ALA C 7 -26.35 0.52 13.60
CA ALA C 7 -27.72 1.00 13.70
C ALA C 7 -28.76 -0.11 13.59
N PRO C 8 -29.89 0.04 14.31
CA PRO C 8 -30.94 -0.98 14.21
C PRO C 8 -31.52 -0.87 12.81
N ARG C 9 -32.08 -1.95 12.29
CA ARG C 9 -32.67 -1.96 10.94
C ARG C 9 -33.76 -0.93 10.70
N SER C 10 -34.47 -0.54 11.74
CA SER C 10 -35.56 0.42 11.59
C SER C 10 -35.18 1.90 11.67
N LYS C 11 -33.91 2.18 11.95
CA LYS C 11 -33.46 3.57 12.07
C LYS C 11 -32.88 4.13 10.77
N TRP C 12 -32.96 5.45 10.60
CA TRP C 12 -32.38 6.11 9.43
C TRP C 12 -32.84 5.54 8.09
N PRO C 13 -34.16 5.50 7.84
CA PRO C 13 -34.63 4.96 6.55
C PRO C 13 -34.26 5.83 5.34
N TRP C 14 -33.63 6.97 5.61
CA TRP C 14 -33.29 7.91 4.55
C TRP C 14 -31.84 7.86 4.14
N GLN C 15 -31.05 7.04 4.83
CA GLN C 15 -29.62 6.91 4.52
C GLN C 15 -29.35 6.30 3.17
N VAL C 16 -28.47 6.91 2.39
CA VAL C 16 -28.11 6.35 1.11
C VAL C 16 -26.59 6.24 1.01
N SER C 17 -26.13 5.38 0.14
CA SER C 17 -24.70 5.19 -0.07
C SER C 17 -24.47 5.55 -1.53
N LEU C 18 -23.42 6.32 -1.83
CA LEU C 18 -23.11 6.68 -3.23
C LEU C 18 -21.98 5.76 -3.63
N ARG C 19 -22.07 5.19 -4.82
CA ARG C 19 -21.04 4.25 -5.33
C ARG C 19 -20.40 4.73 -6.61
N VAL C 20 -19.12 4.43 -6.77
CA VAL C 20 -18.43 4.77 -8.00
C VAL C 20 -17.91 3.45 -8.62
N ARG C 21 -17.84 3.37 -9.95
CA ARG C 21 -17.40 2.17 -10.64
C ARG C 21 -15.87 1.97 -10.54
N ASP C 22 -15.43 0.85 -9.95
CA ASP C 22 -14.01 0.53 -9.80
C ASP C 22 -13.78 -0.95 -9.43
N ARG C 23 -14.06 -1.87 -10.34
CA ARG C 23 -13.92 -3.32 -10.10
C ARG C 23 -15.21 -3.79 -9.44
N TYR C 24 -15.85 -2.88 -8.70
CA TYR C 24 -17.13 -3.13 -8.07
C TYR C 24 -17.73 -1.77 -7.76
N TRP C 25 -19.03 -1.71 -7.44
CA TRP C 25 -19.64 -0.41 -7.13
C TRP C 25 -19.27 -0.02 -5.72
N MET C 26 -18.17 0.69 -5.62
CA MET C 26 -17.62 1.08 -4.34
C MET C 26 -18.16 2.36 -3.72
N HIS C 27 -18.47 2.24 -2.44
CA HIS C 27 -18.96 3.32 -1.60
C HIS C 27 -17.89 4.37 -1.51
N PHE C 28 -18.27 5.64 -1.61
CA PHE C 28 -17.32 6.70 -1.47
C PHE C 28 -17.94 7.79 -0.60
N CYS C 29 -19.26 7.87 -0.56
CA CYS C 29 -19.88 8.91 0.26
C CYS C 29 -21.26 8.44 0.64
N GLY C 30 -21.88 9.19 1.53
CA GLY C 30 -23.24 8.90 1.93
C GLY C 30 -24.10 10.04 1.35
N GLY C 31 -25.40 9.97 1.60
CA GLY C 31 -26.32 10.99 1.13
C GLY C 31 -27.60 10.70 1.86
N SER C 32 -28.66 11.45 1.60
CA SER C 32 -29.92 11.20 2.29
C SER C 32 -31.06 11.40 1.32
N LEU C 33 -32.14 10.65 1.52
CA LEU C 33 -33.29 10.79 0.65
C LEU C 33 -34.14 11.92 1.21
N ILE C 34 -34.26 13.04 0.52
CA ILE C 34 -35.04 14.16 1.03
C ILE C 34 -36.33 14.38 0.25
N HIS C 35 -36.53 13.57 -0.78
CA HIS C 35 -37.71 13.59 -1.64
C HIS C 35 -37.61 12.26 -2.37
N PRO C 36 -38.75 11.64 -2.73
CA PRO C 36 -38.73 10.34 -3.43
C PRO C 36 -37.80 10.25 -4.62
N GLN C 37 -37.54 11.39 -5.26
CA GLN C 37 -36.67 11.38 -6.42
C GLN C 37 -35.38 12.17 -6.23
N TRP C 38 -35.12 12.68 -5.02
CA TRP C 38 -33.91 13.48 -4.77
C TRP C 38 -33.05 13.07 -3.61
N VAL C 39 -31.74 13.20 -3.81
CA VAL C 39 -30.80 12.84 -2.79
C VAL C 39 -29.95 14.04 -2.43
N LEU C 40 -29.74 14.26 -1.13
CA LEU C 40 -28.92 15.39 -0.69
C LEU C 40 -27.57 14.79 -0.32
N THR C 41 -26.48 15.47 -0.68
CA THR C 41 -25.15 14.97 -0.35
C THR C 41 -24.18 16.15 -0.26
N ALA C 42 -22.88 15.87 -0.21
CA ALA C 42 -21.90 16.95 -0.15
C ALA C 42 -21.37 17.18 -1.54
N ALA C 43 -21.11 18.45 -1.84
CA ALA C 43 -20.60 18.80 -3.15
C ALA C 43 -19.24 18.20 -3.44
N HIS C 44 -18.36 18.10 -2.45
CA HIS C 44 -17.01 17.55 -2.72
C HIS C 44 -17.02 16.06 -3.03
N CYS C 45 -18.16 15.42 -2.76
CA CYS C 45 -18.32 14.00 -3.03
C CYS C 45 -18.49 13.78 -4.53
N VAL C 46 -19.20 14.69 -5.18
N VAL C 46 -19.13 14.76 -5.20
CA VAL C 46 -19.41 14.56 -6.61
CA VAL C 46 -19.37 14.64 -6.63
C VAL C 46 -18.58 15.58 -7.36
C VAL C 46 -18.76 15.75 -7.47
N GLY C 47 -17.40 15.82 -6.79
N GLY C 47 -17.66 16.32 -6.98
CA GLY C 47 -16.42 16.73 -7.36
CA GLY C 47 -17.02 17.36 -7.73
C GLY C 47 -15.15 15.90 -7.40
C GLY C 47 -15.60 17.52 -7.25
N PRO C 48 -13.99 16.46 -7.79
N PRO C 48 -14.99 18.67 -7.58
CA PRO C 48 -13.71 17.82 -8.24
CA PRO C 48 -15.66 19.68 -8.37
C PRO C 48 -14.33 18.24 -9.56
C PRO C 48 -15.74 19.39 -9.87
N ASP C 49 -14.14 17.42 -10.58
N ASP C 49 -14.95 18.41 -10.34
CA ASP C 49 -14.66 17.73 -11.90
CA ASP C 49 -14.93 17.99 -11.75
C ASP C 49 -16.09 17.22 -12.15
C ASP C 49 -16.31 17.44 -12.10
N VAL C 50 -16.67 17.67 -13.26
N VAL C 50 -16.79 17.74 -13.29
CA VAL C 50 -18.00 17.24 -13.65
CA VAL C 50 -18.10 17.25 -13.70
C VAL C 50 -17.89 15.76 -14.00
C VAL C 50 -17.96 15.77 -14.01
N LYS C 51 -18.64 14.93 -13.27
CA LYS C 51 -18.55 13.49 -13.49
C LYS C 51 -19.45 12.83 -14.54
N ASP C 52 -18.94 11.77 -15.17
CA ASP C 52 -19.73 11.02 -16.15
C ASP C 52 -20.72 10.22 -15.29
N LEU C 53 -22.00 10.50 -15.47
CA LEU C 53 -23.04 9.85 -14.69
C LEU C 53 -23.07 8.34 -14.76
N ALA C 54 -22.55 7.76 -15.84
CA ALA C 54 -22.52 6.32 -16.01
C ALA C 54 -21.60 5.65 -14.98
N THR C 55 -20.76 6.44 -14.34
CA THR C 55 -19.82 5.91 -13.34
C THR C 55 -20.37 6.06 -11.94
N LEU C 56 -21.62 6.47 -11.82
CA LEU C 56 -22.16 6.67 -10.49
C LEU C 56 -23.47 5.96 -10.24
N ARG C 57 -23.67 5.49 -9.01
CA ARG C 57 -24.90 4.81 -8.62
C ARG C 57 -25.34 5.18 -7.21
N VAL C 58 -26.63 5.01 -6.93
CA VAL C 58 -27.17 5.31 -5.62
C VAL C 58 -27.74 4.03 -5.02
N GLN C 59 -27.50 3.82 -3.73
CA GLN C 59 -28.01 2.64 -3.02
C GLN C 59 -28.84 3.15 -1.88
N LEU C 60 -30.10 2.71 -1.84
CA LEU C 60 -30.98 3.16 -0.78
C LEU C 60 -30.60 2.39 0.47
N ARG C 61 -31.15 2.81 1.59
CA ARG C 61 -30.85 2.17 2.85
C ARG C 61 -30.74 0.64 2.85
N GLU C 62 -29.57 0.16 3.24
CA GLU C 62 -29.33 -1.26 3.36
C GLU C 62 -28.58 -1.35 4.69
N GLN C 63 -28.73 -2.45 5.40
CA GLN C 63 -28.07 -2.58 6.69
C GLN C 63 -26.58 -2.81 6.51
N HIS C 64 -26.24 -3.63 5.52
CA HIS C 64 -24.86 -3.95 5.23
C HIS C 64 -24.53 -3.53 3.80
N LEU C 65 -23.39 -2.89 3.64
CA LEU C 65 -22.97 -2.40 2.33
C LEU C 65 -22.63 -3.56 1.38
N TYR C 66 -23.01 -3.42 0.11
CA TYR C 66 -22.71 -4.42 -0.91
C TYR C 66 -23.54 -5.71 -0.99
N TYR C 67 -24.01 -6.22 0.16
CA TYR C 67 -24.74 -7.48 0.13
C TYR C 67 -26.09 -7.59 -0.57
N GLN C 68 -27.00 -6.65 -0.34
CA GLN C 68 -28.29 -6.73 -1.01
C GLN C 68 -28.54 -5.54 -1.91
N ASP C 69 -27.53 -5.18 -2.68
CA ASP C 69 -27.60 -4.04 -3.58
C ASP C 69 -28.70 -4.07 -4.61
N GLN C 70 -29.20 -2.87 -4.88
CA GLN C 70 -30.24 -2.64 -5.87
C GLN C 70 -29.89 -1.21 -6.32
N LEU C 71 -28.79 -1.14 -7.07
CA LEU C 71 -28.24 0.13 -7.54
C LEU C 71 -29.17 0.95 -8.39
N LEU C 72 -29.20 2.26 -8.14
CA LEU C 72 -30.07 3.13 -8.91
C LEU C 72 -29.24 4.13 -9.67
N PRO C 73 -29.47 4.24 -10.98
CA PRO C 73 -28.69 5.20 -11.77
C PRO C 73 -29.22 6.60 -11.45
N VAL C 74 -28.40 7.59 -11.73
CA VAL C 74 -28.70 8.99 -11.50
C VAL C 74 -29.03 9.72 -12.78
N SER C 75 -30.01 10.61 -12.69
CA SER C 75 -30.44 11.38 -13.84
C SER C 75 -29.75 12.72 -13.96
N ARG C 76 -29.49 13.36 -12.84
CA ARG C 76 -28.88 14.66 -12.87
C ARG C 76 -28.11 14.97 -11.59
N ILE C 77 -26.98 15.65 -11.73
CA ILE C 77 -26.18 16.04 -10.57
C ILE C 77 -26.12 17.57 -10.50
N ILE C 78 -26.55 18.15 -9.38
CA ILE C 78 -26.53 19.59 -9.24
C ILE C 78 -25.67 20.01 -8.06
N VAL C 79 -24.59 20.72 -8.35
CA VAL C 79 -23.68 21.15 -7.31
C VAL C 79 -23.81 22.64 -7.09
N HIS C 80 -23.87 23.06 -5.84
CA HIS C 80 -24.02 24.48 -5.58
C HIS C 80 -22.94 25.21 -6.32
N PRO C 81 -23.33 26.23 -7.09
CA PRO C 81 -22.35 27.00 -7.86
C PRO C 81 -21.29 27.76 -7.04
N GLN C 82 -21.48 27.94 -5.74
CA GLN C 82 -20.44 28.64 -4.96
C GLN C 82 -19.28 27.74 -4.59
N PHE C 83 -19.49 26.43 -4.73
CA PHE C 83 -18.47 25.45 -4.41
C PHE C 83 -17.28 25.38 -5.36
N TYR C 84 -16.04 25.31 -4.84
CA TYR C 84 -14.88 25.16 -5.71
C TYR C 84 -13.78 24.36 -5.05
N ILE C 85 -12.82 23.92 -5.86
CA ILE C 85 -11.71 23.05 -5.45
C ILE C 85 -10.92 23.63 -4.26
N ILE C 86 -10.58 22.78 -3.33
CA ILE C 86 -9.87 23.13 -2.09
C ILE C 86 -10.56 24.38 -1.44
N GLN C 87 -11.65 24.11 -0.73
CA GLN C 87 -12.42 25.13 -0.04
C GLN C 87 -13.65 24.43 0.50
N THR C 88 -14.09 24.85 1.68
CA THR C 88 -15.24 24.25 2.37
C THR C 88 -16.40 25.21 2.56
N GLY C 89 -16.97 25.73 1.50
CA GLY C 89 -18.07 26.63 1.72
C GLY C 89 -19.03 26.06 0.73
N ALA C 90 -20.31 26.20 0.95
CA ALA C 90 -21.27 25.67 -0.02
C ALA C 90 -21.01 24.20 -0.38
N ASP C 91 -20.70 23.40 0.64
CA ASP C 91 -20.44 21.97 0.38
C ASP C 91 -21.78 21.23 0.37
N ILE C 92 -22.55 21.43 -0.69
CA ILE C 92 -23.84 20.78 -0.78
C ILE C 92 -24.19 20.47 -2.23
N ALA C 93 -24.87 19.37 -2.47
CA ALA C 93 -25.23 19.01 -3.84
C ALA C 93 -26.51 18.19 -3.92
N LEU C 94 -27.06 18.06 -5.12
CA LEU C 94 -28.29 17.30 -5.34
C LEU C 94 -28.16 16.25 -6.43
N LEU C 95 -28.73 15.08 -6.18
CA LEU C 95 -28.71 13.99 -7.13
C LEU C 95 -30.15 13.69 -7.49
N GLU C 96 -30.51 13.78 -8.77
CA GLU C 96 -31.89 13.49 -9.16
C GLU C 96 -31.97 12.07 -9.67
N LEU C 97 -32.82 11.24 -9.06
CA LEU C 97 -32.97 9.87 -9.50
C LEU C 97 -33.79 9.86 -10.79
N GLU C 98 -33.61 8.85 -11.61
CA GLU C 98 -34.32 8.78 -12.89
C GLU C 98 -35.81 8.61 -12.67
N GLU C 99 -36.16 8.20 -11.46
CA GLU C 99 -37.54 7.94 -11.14
C GLU C 99 -37.75 7.87 -9.63
N PRO C 100 -38.97 8.22 -9.18
CA PRO C 100 -39.26 8.18 -7.74
C PRO C 100 -39.03 6.78 -7.19
N VAL C 101 -38.58 6.68 -5.94
CA VAL C 101 -38.39 5.38 -5.35
C VAL C 101 -39.66 5.04 -4.57
N ASN C 102 -39.86 3.77 -4.22
CA ASN C 102 -41.03 3.40 -3.44
C ASN C 102 -40.80 3.86 -2.02
N ILE C 103 -41.85 4.41 -1.40
CA ILE C 103 -41.77 4.91 -0.03
C ILE C 103 -42.34 3.88 0.94
N SER C 104 -41.62 3.58 2.02
CA SER C 104 -42.12 2.61 2.99
C SER C 104 -41.62 2.91 4.39
N SER C 105 -41.87 2.00 5.32
CA SER C 105 -41.43 2.21 6.70
C SER C 105 -39.92 2.06 6.79
N ARG C 106 -39.36 1.20 5.94
CA ARG C 106 -37.92 0.97 5.96
C ARG C 106 -37.14 1.95 5.10
N VAL C 107 -37.80 2.55 4.12
CA VAL C 107 -37.15 3.48 3.21
C VAL C 107 -38.05 4.67 2.92
N HIS C 108 -37.68 5.85 3.40
CA HIS C 108 -38.48 7.04 3.14
C HIS C 108 -37.65 8.31 3.39
N THR C 109 -38.25 9.47 3.14
CA THR C 109 -37.54 10.75 3.27
C THR C 109 -37.31 11.30 4.69
N VAL C 110 -36.29 12.15 4.85
CA VAL C 110 -36.04 12.79 6.14
C VAL C 110 -36.49 14.21 5.88
N MET C 111 -37.10 14.82 6.89
CA MET C 111 -37.62 16.17 6.81
C MET C 111 -36.53 17.24 6.85
N LEU C 112 -36.66 18.26 6.00
CA LEU C 112 -35.69 19.34 6.02
C LEU C 112 -36.14 20.26 7.17
N PRO C 113 -35.21 20.95 7.82
CA PRO C 113 -35.61 21.83 8.93
C PRO C 113 -36.19 23.16 8.49
N PRO C 114 -37.02 23.78 9.35
CA PRO C 114 -37.57 25.08 8.98
C PRO C 114 -36.40 26.04 9.09
N ALA C 115 -36.44 27.11 8.31
CA ALA C 115 -35.39 28.12 8.26
C ALA C 115 -34.97 28.68 9.61
N SER C 116 -35.89 28.72 10.57
CA SER C 116 -35.59 29.27 11.89
C SER C 116 -34.90 28.32 12.87
N GLU C 117 -34.75 27.05 12.51
CA GLU C 117 -34.11 26.10 13.42
C GLU C 117 -32.60 26.29 13.46
N THR C 118 -32.06 26.68 14.60
CA THR C 118 -30.63 26.88 14.68
C THR C 118 -29.88 25.67 15.22
N PHE C 119 -30.60 24.72 15.82
CA PHE C 119 -29.99 23.52 16.38
C PHE C 119 -28.91 23.96 17.35
N PRO C 120 -29.31 24.58 18.47
CA PRO C 120 -28.38 25.07 19.48
C PRO C 120 -27.80 23.92 20.31
N PRO C 121 -26.73 24.18 21.05
CA PRO C 121 -26.13 23.11 21.87
C PRO C 121 -27.15 22.48 22.80
N GLY C 122 -27.09 21.16 22.96
CA GLY C 122 -28.02 20.48 23.84
C GLY C 122 -29.00 19.65 23.07
N MET C 123 -29.16 20.01 21.79
CA MET C 123 -30.05 19.30 20.88
C MET C 123 -29.48 17.91 20.68
N PRO C 124 -30.33 16.89 20.73
CA PRO C 124 -29.89 15.50 20.54
C PRO C 124 -29.78 15.15 19.05
N CYS C 125 -28.55 14.94 18.56
CA CYS C 125 -28.34 14.62 17.16
C CYS C 125 -27.50 13.39 16.91
N TRP C 126 -27.63 12.86 15.71
CA TRP C 126 -26.90 11.67 15.37
C TRP C 126 -26.38 11.83 13.97
N VAL C 127 -25.24 11.23 13.69
CA VAL C 127 -24.69 11.26 12.35
C VAL C 127 -24.55 9.78 12.00
N THR C 128 -24.90 9.41 10.76
CA THR C 128 -24.81 8.02 10.37
C THR C 128 -24.00 7.72 9.12
N GLY C 129 -23.54 6.49 9.01
CA GLY C 129 -22.77 6.19 7.82
C GLY C 129 -21.94 4.94 7.88
N TRP C 130 -21.23 4.73 6.78
CA TRP C 130 -20.37 3.58 6.59
C TRP C 130 -18.89 3.92 6.57
N GLY C 131 -18.54 5.16 6.95
CA GLY C 131 -17.15 5.54 6.97
C GLY C 131 -16.29 4.84 8.01
N ASP C 132 -15.04 5.26 8.06
CA ASP C 132 -14.02 4.74 8.96
C ASP C 132 -14.45 4.84 10.43
N VAL C 133 -14.05 3.86 11.24
CA VAL C 133 -14.39 3.85 12.65
C VAL C 133 -13.37 4.56 13.52
N ASP C 134 -12.28 4.99 12.90
CA ASP C 134 -11.24 5.76 13.58
C ASP C 134 -10.30 6.22 12.47
N ASN C 135 -9.28 7.00 12.81
CA ASN C 135 -8.36 7.49 11.79
C ASN C 135 -7.63 6.35 11.09
N ASP C 136 -7.65 6.37 9.77
CA ASP C 136 -6.97 5.37 8.96
C ASP C 136 -7.42 3.96 9.37
N GLU C 137 -8.66 3.86 9.83
CA GLU C 137 -9.25 2.60 10.30
C GLU C 137 -10.62 2.41 9.62
N PRO C 138 -10.67 1.68 8.50
CA PRO C 138 -11.92 1.45 7.79
C PRO C 138 -12.91 0.52 8.48
N LEU C 139 -14.18 0.71 8.17
CA LEU C 139 -15.25 -0.13 8.71
C LEU C 139 -14.98 -1.54 8.16
N PRO C 140 -14.93 -2.54 9.04
CA PRO C 140 -14.68 -3.91 8.61
C PRO C 140 -15.92 -4.59 8.02
N PRO C 141 -15.71 -5.69 7.28
CA PRO C 141 -16.86 -6.39 6.71
C PRO C 141 -17.61 -6.95 7.92
N PRO C 142 -18.92 -7.19 7.81
CA PRO C 142 -19.84 -7.03 6.68
C PRO C 142 -20.34 -5.60 6.40
N PHE C 143 -19.60 -4.60 6.89
CA PHE C 143 -19.92 -3.20 6.64
C PHE C 143 -21.31 -2.75 7.15
N PRO C 144 -21.53 -2.85 8.47
CA PRO C 144 -22.83 -2.44 9.00
C PRO C 144 -22.98 -0.93 9.05
N LEU C 145 -24.19 -0.44 8.86
CA LEU C 145 -24.41 1.00 8.96
C LEU C 145 -24.24 1.39 10.43
N LYS C 146 -23.42 2.40 10.71
CA LYS C 146 -23.23 2.84 12.08
C LYS C 146 -23.86 4.19 12.37
N GLN C 147 -24.08 4.45 13.66
CA GLN C 147 -24.67 5.71 14.13
C GLN C 147 -23.97 6.18 15.39
N VAL C 148 -24.06 7.47 15.69
CA VAL C 148 -23.45 7.96 16.91
C VAL C 148 -24.05 9.29 17.27
N LYS C 149 -24.32 9.47 18.57
CA LYS C 149 -24.92 10.70 19.04
C LYS C 149 -23.77 11.71 19.19
N VAL C 150 -23.92 12.90 18.63
CA VAL C 150 -22.86 13.88 18.72
C VAL C 150 -23.35 15.17 19.29
N PRO C 151 -22.59 15.78 20.20
CA PRO C 151 -23.02 17.05 20.80
C PRO C 151 -22.73 18.21 19.85
N ILE C 152 -23.66 19.17 19.84
CA ILE C 152 -23.54 20.34 19.02
C ILE C 152 -22.68 21.35 19.74
N MET C 153 -21.87 22.10 18.98
CA MET C 153 -21.05 23.14 19.58
C MET C 153 -21.40 24.42 18.85
N GLU C 154 -21.79 25.44 19.61
CA GLU C 154 -22.18 26.73 19.02
C GLU C 154 -21.09 27.19 18.05
N ASN C 155 -21.50 27.71 16.90
CA ASN C 155 -20.54 28.13 15.88
C ASN C 155 -19.33 28.96 16.33
N HIS C 156 -19.55 30.00 17.14
CA HIS C 156 -18.44 30.85 17.59
C HIS C 156 -17.48 30.12 18.50
N ILE C 157 -18.00 29.26 19.37
CA ILE C 157 -17.19 28.45 20.27
C ILE C 157 -16.36 27.48 19.44
N CYS C 158 -16.99 26.98 18.38
CA CYS C 158 -16.36 26.02 17.48
C CYS C 158 -15.20 26.70 16.76
N ASP C 159 -15.49 27.86 16.18
CA ASP C 159 -14.50 28.66 15.48
C ASP C 159 -13.30 28.90 16.40
N ALA C 160 -13.56 29.24 17.66
CA ALA C 160 -12.44 29.47 18.59
C ALA C 160 -11.67 28.20 18.85
N LYS C 161 -12.38 27.08 18.96
CA LYS C 161 -11.71 25.83 19.21
C LYS C 161 -10.72 25.53 18.09
N TYR C 162 -11.12 25.81 16.86
CA TYR C 162 -10.28 25.55 15.69
C TYR C 162 -9.09 26.49 15.58
N HIS C 163 -9.02 27.46 16.49
CA HIS C 163 -7.90 28.37 16.51
C HIS C 163 -6.90 27.90 17.58
N LEU C 164 -7.36 27.05 18.50
CA LEU C 164 -6.48 26.51 19.54
C LEU C 164 -5.48 25.61 18.88
N GLY C 165 -4.20 25.95 19.02
CA GLY C 165 -3.17 25.12 18.44
C GLY C 165 -2.88 25.39 16.97
N ALA C 166 -3.42 26.47 16.43
CA ALA C 166 -3.18 26.82 15.03
C ALA C 166 -2.55 28.21 14.90
N TYR C 167 -1.93 28.45 13.75
CA TYR C 167 -1.28 29.73 13.42
C TYR C 167 -2.28 30.80 13.01
N THR C 168 -3.49 30.39 12.67
CA THR C 168 -4.49 31.33 12.19
C THR C 168 -4.85 32.49 13.12
N GLY C 169 -5.01 33.68 12.54
CA GLY C 169 -5.36 34.85 13.33
C GLY C 169 -6.74 34.74 13.97
N ASP C 170 -6.84 35.10 15.25
CA ASP C 170 -8.11 35.03 16.00
C ASP C 170 -9.25 35.72 15.25
N ASP C 171 -8.91 36.80 14.56
CA ASP C 171 -9.88 37.60 13.81
C ASP C 171 -10.20 36.98 12.45
N VAL C 172 -9.56 35.85 12.15
CA VAL C 172 -9.82 35.19 10.87
C VAL C 172 -10.77 34.03 11.11
N ARG C 173 -11.95 34.12 10.48
CA ARG C 173 -12.97 33.10 10.67
C ARG C 173 -12.70 31.80 9.96
N ILE C 174 -12.76 30.71 10.71
CA ILE C 174 -12.56 29.41 10.13
C ILE C 174 -13.91 28.75 9.91
N ILE C 175 -14.75 28.77 10.93
CA ILE C 175 -16.07 28.15 10.79
C ILE C 175 -17.02 29.25 10.34
N ARG C 176 -17.65 29.04 9.18
CA ARG C 176 -18.57 30.02 8.59
C ARG C 176 -20.05 29.80 8.98
N ASP C 177 -20.89 30.79 8.68
CA ASP C 177 -22.31 30.72 9.00
C ASP C 177 -23.08 29.63 8.27
N ASP C 178 -22.55 29.17 7.15
CA ASP C 178 -23.22 28.11 6.40
C ASP C 178 -22.78 26.73 6.91
N MET C 179 -22.04 26.73 8.02
CA MET C 179 -21.56 25.50 8.65
C MET C 179 -22.20 25.26 10.02
N LEU C 180 -21.98 24.06 10.55
CA LEU C 180 -22.51 23.64 11.84
C LEU C 180 -21.49 22.70 12.49
N CYS C 181 -21.39 22.72 13.81
CA CYS C 181 -20.42 21.87 14.49
C CYS C 181 -20.98 20.85 15.47
N ALA C 182 -20.47 19.63 15.39
CA ALA C 182 -20.91 18.59 16.28
C ALA C 182 -19.85 17.51 16.46
N GLY C 183 -19.85 16.92 17.64
CA GLY C 183 -18.92 15.85 17.96
C GLY C 183 -17.88 16.23 18.99
N ASN C 184 -17.14 15.24 19.50
CA ASN C 184 -16.08 15.51 20.47
C ASN C 184 -14.99 14.46 20.22
N SER C 185 -14.03 14.35 21.13
CA SER C 185 -12.91 13.41 20.98
C SER C 185 -13.30 11.94 21.12
N GLN C 186 -14.58 11.69 21.29
CA GLN C 186 -15.05 10.33 21.45
C GLN C 186 -16.08 9.94 20.39
N ARG C 187 -16.78 10.95 19.88
CA ARG C 187 -17.85 10.68 18.93
C ARG C 187 -17.75 11.57 17.72
N ASP C 188 -17.77 10.99 16.54
CA ASP C 188 -17.63 11.81 15.37
C ASP C 188 -17.87 11.06 14.07
N SER C 189 -17.99 11.81 12.98
CA SER C 189 -18.13 11.17 11.68
C SER C 189 -16.68 11.14 11.16
N CYS C 190 -16.45 10.62 9.96
CA CYS C 190 -15.08 10.51 9.48
C CYS C 190 -15.09 10.12 8.01
N LYS C 191 -13.91 10.00 7.42
CA LYS C 191 -13.77 9.60 6.00
C LYS C 191 -14.76 8.49 5.63
N GLY C 192 -15.48 8.67 4.52
CA GLY C 192 -16.45 7.68 4.09
C GLY C 192 -17.87 8.07 4.50
N ASP C 193 -17.98 8.98 5.47
CA ASP C 193 -19.26 9.45 5.96
C ASP C 193 -19.76 10.69 5.23
N SER C 194 -18.86 11.34 4.52
CA SER C 194 -19.17 12.54 3.77
C SER C 194 -20.45 12.48 2.94
N GLY C 195 -21.17 13.61 2.96
CA GLY C 195 -22.43 13.70 2.24
C GLY C 195 -23.58 13.06 3.00
N GLY C 196 -23.24 12.35 4.08
CA GLY C 196 -24.24 11.70 4.89
C GLY C 196 -24.94 12.72 5.76
N PRO C 197 -26.04 12.32 6.41
CA PRO C 197 -26.84 13.18 7.27
C PRO C 197 -26.56 13.27 8.76
N LEU C 198 -26.78 14.46 9.29
CA LEU C 198 -26.66 14.70 10.72
C LEU C 198 -28.10 15.03 11.05
N VAL C 199 -28.78 14.21 11.85
CA VAL C 199 -30.16 14.54 12.16
C VAL C 199 -30.37 14.80 13.64
N CYS C 200 -31.28 15.73 13.94
CA CYS C 200 -31.60 16.06 15.33
C CYS C 200 -33.10 15.87 15.54
N LYS C 201 -33.45 15.45 16.74
CA LYS C 201 -34.84 15.23 17.08
C LYS C 201 -35.31 16.55 17.67
N VAL C 202 -36.37 17.12 17.10
CA VAL C 202 -36.93 18.37 17.59
C VAL C 202 -38.43 18.20 17.81
N ASN C 203 -38.84 18.19 19.08
CA ASN C 203 -40.24 18.00 19.42
C ASN C 203 -40.80 16.74 18.75
N GLY C 204 -40.09 15.62 18.92
CA GLY C 204 -40.54 14.36 18.34
C GLY C 204 -40.32 14.09 16.85
N THR C 205 -39.84 15.09 16.12
CA THR C 205 -39.63 14.90 14.69
C THR C 205 -38.16 14.95 14.30
N TRP C 206 -37.76 14.06 13.39
CA TRP C 206 -36.38 14.04 12.92
C TRP C 206 -36.20 15.10 11.84
N LEU C 207 -35.14 15.89 11.97
CA LEU C 207 -34.88 16.93 10.98
C LEU C 207 -33.43 16.88 10.58
N GLN C 208 -33.15 17.11 9.30
CA GLN C 208 -31.76 17.06 8.92
C GLN C 208 -31.08 18.39 9.11
N ALA C 209 -30.24 18.45 10.14
CA ALA C 209 -29.52 19.66 10.48
C ALA C 209 -28.30 19.88 9.62
N GLY C 210 -27.60 18.80 9.29
CA GLY C 210 -26.38 18.95 8.52
C GLY C 210 -26.00 17.84 7.55
N VAL C 211 -24.99 18.15 6.73
CA VAL C 211 -24.46 17.20 5.76
C VAL C 211 -22.99 17.01 6.16
N VAL C 212 -22.53 15.75 6.34
CA VAL C 212 -21.14 15.54 6.72
C VAL C 212 -20.21 16.19 5.70
N SER C 213 -19.36 17.10 6.17
CA SER C 213 -18.44 17.82 5.28
C SER C 213 -16.94 17.61 5.50
N TRP C 214 -16.43 18.08 6.64
CA TRP C 214 -15.00 17.94 6.88
C TRP C 214 -14.72 18.07 8.36
N GLY C 215 -13.43 18.02 8.67
CA GLY C 215 -12.94 18.14 10.02
C GLY C 215 -11.45 17.91 10.03
N GLU C 216 -10.75 18.36 11.05
CA GLU C 216 -9.32 18.11 11.11
C GLU C 216 -9.24 16.75 11.82
N GLY C 217 -8.85 15.71 11.09
CA GLY C 217 -8.79 14.40 11.69
C GLY C 217 -10.18 13.89 12.01
N CYS C 218 -10.26 12.87 12.85
CA CYS C 218 -11.55 12.30 13.22
C CYS C 218 -11.60 12.10 14.72
N ALA C 219 -12.57 12.73 15.37
CA ALA C 219 -12.68 12.62 16.83
C ALA C 219 -11.44 13.20 17.47
N GLN C 220 -10.87 14.24 16.86
CA GLN C 220 -9.67 14.87 17.39
C GLN C 220 -10.02 15.97 18.41
N PRO C 221 -9.22 16.07 19.47
CA PRO C 221 -9.38 17.07 20.55
C PRO C 221 -9.45 18.50 20.00
N ASN C 222 -10.45 19.25 20.46
CA ASN C 222 -10.69 20.63 20.02
C ASN C 222 -10.93 20.76 18.53
N ARG C 223 -11.43 19.68 17.90
CA ARG C 223 -11.68 19.71 16.46
C ARG C 223 -12.98 19.01 16.09
N PRO C 224 -14.12 19.57 16.51
CA PRO C 224 -15.43 18.98 16.20
C PRO C 224 -15.59 18.72 14.69
N GLY C 225 -16.50 17.84 14.32
CA GLY C 225 -16.75 17.59 12.91
C GLY C 225 -17.53 18.77 12.34
N ILE C 226 -17.29 19.10 11.07
CA ILE C 226 -17.96 20.22 10.45
C ILE C 226 -18.93 19.77 9.37
N TYR C 227 -20.17 20.22 9.52
CA TYR C 227 -21.23 19.88 8.61
C TYR C 227 -21.71 21.13 7.88
N THR C 228 -22.35 20.92 6.73
CA THR C 228 -22.91 22.02 5.98
C THR C 228 -24.28 22.23 6.63
N ARG C 229 -24.55 23.48 7.01
CA ARG C 229 -25.79 23.85 7.65
C ARG C 229 -26.87 23.89 6.59
N VAL C 230 -27.82 22.99 6.69
CA VAL C 230 -28.88 22.87 5.69
C VAL C 230 -29.83 24.06 5.54
N THR C 231 -30.20 24.67 6.67
CA THR C 231 -31.10 25.80 6.63
C THR C 231 -30.57 26.91 5.77
N TYR C 232 -29.27 27.00 5.67
CA TYR C 232 -28.67 28.08 4.91
C TYR C 232 -28.88 27.91 3.42
N TYR C 233 -29.10 26.68 2.98
CA TYR C 233 -29.31 26.42 1.56
C TYR C 233 -30.70 25.94 1.20
N LEU C 234 -31.70 26.29 2.01
CA LEU C 234 -33.06 25.83 1.70
C LEU C 234 -33.60 26.47 0.44
N ASP C 235 -33.34 27.76 0.23
CA ASP C 235 -33.83 28.38 -0.99
C ASP C 235 -33.27 27.72 -2.22
N TRP C 236 -31.97 27.44 -2.19
CA TRP C 236 -31.29 26.75 -3.29
C TRP C 236 -31.89 25.37 -3.46
N ILE C 237 -32.07 24.66 -2.36
CA ILE C 237 -32.63 23.33 -2.46
C ILE C 237 -34.02 23.39 -3.08
N HIS C 238 -34.84 24.33 -2.63
CA HIS C 238 -36.21 24.46 -3.15
C HIS C 238 -36.31 24.91 -4.60
N HIS C 239 -35.20 25.30 -5.20
CA HIS C 239 -35.21 25.70 -6.60
C HIS C 239 -35.23 24.43 -7.43
N TYR C 240 -34.93 23.28 -6.82
CA TYR C 240 -34.91 22.04 -7.56
C TYR C 240 -35.83 20.96 -6.99
N VAL C 241 -35.88 20.84 -5.67
CA VAL C 241 -36.70 19.81 -5.05
C VAL C 241 -38.10 20.29 -4.69
N PRO C 242 -39.13 19.61 -5.23
CA PRO C 242 -40.54 19.95 -4.98
C PRO C 242 -40.87 19.95 -3.49
N LYS C 243 -41.56 20.99 -3.03
CA LYS C 243 -41.94 21.05 -1.63
C LYS C 243 -43.37 20.52 -1.49
C ACE D 1 -8.11 14.91 5.92
O ACE D 1 -7.82 14.96 7.06
CH3 ACE D 1 -7.42 13.91 5.02
N LEU D 2 -8.99 15.74 5.41
CA LEU D 2 -9.70 16.79 6.13
C LEU D 2 -11.11 16.68 5.57
N LEU D 3 -11.23 16.63 4.25
CA LEU D 3 -12.55 16.47 3.63
C LEU D 3 -12.99 15.05 3.95
N AR7 D 4 -14.24 14.88 4.33
CA AR7 D 4 -14.79 13.56 4.67
C AR7 D 4 -15.73 13.03 3.57
O AR7 D 4 -15.11 13.24 2.30
CB AR7 D 4 -15.54 13.66 6.01
CG AR7 D 4 -14.62 13.91 7.19
CD AR7 D 4 -15.36 14.22 8.47
NE AR7 D 4 -14.42 14.45 9.55
CZ AR7 D 4 -14.73 14.76 10.81
NH1 AR7 D 4 -16.01 14.86 11.17
NH2 AR7 D 4 -13.76 14.94 11.68
N ILE E 1 8.63 17.28 -9.38
CA ILE E 1 8.77 17.99 -10.69
C ILE E 1 8.42 17.03 -11.84
N VAL E 2 7.41 17.40 -12.62
CA VAL E 2 6.95 16.59 -13.76
C VAL E 2 7.54 17.11 -15.07
N GLY E 3 8.12 16.22 -15.87
CA GLY E 3 8.68 16.63 -17.15
C GLY E 3 9.98 17.43 -17.16
N GLY E 4 10.77 17.39 -16.09
CA GLY E 4 11.99 18.16 -16.17
C GLY E 4 13.23 17.31 -16.25
N GLN E 5 14.32 17.83 -15.72
CA GLN E 5 15.53 17.05 -15.70
C GLN E 5 16.30 17.36 -14.44
N GLU E 6 17.33 16.57 -14.20
CA GLU E 6 18.13 16.77 -13.02
C GLU E 6 18.79 18.11 -13.21
N ALA E 7 18.90 18.85 -12.11
CA ALA E 7 19.51 20.17 -12.15
C ALA E 7 21.03 20.11 -12.04
N PRO E 8 21.74 21.00 -12.75
CA PRO E 8 23.20 20.99 -12.66
C PRO E 8 23.56 21.41 -11.24
N ARG E 9 24.73 21.00 -10.75
CA ARG E 9 25.12 21.36 -9.39
C ARG E 9 25.22 22.85 -9.13
N SER E 10 25.60 23.63 -10.13
CA SER E 10 25.75 25.06 -9.92
C SER E 10 24.46 25.87 -9.98
N LYS E 11 23.33 25.21 -10.19
CA LYS E 11 22.06 25.93 -10.30
C LYS E 11 21.17 25.87 -9.06
N TRP E 12 20.38 26.91 -8.85
CA TRP E 12 19.43 26.96 -7.74
C TRP E 12 20.07 26.80 -6.36
N PRO E 13 21.02 27.69 -6.01
CA PRO E 13 21.72 27.65 -4.73
C PRO E 13 20.85 27.96 -3.51
N TRP E 14 19.64 28.45 -3.78
CA TRP E 14 18.70 28.86 -2.72
C TRP E 14 17.69 27.81 -2.38
N GLN E 15 17.69 26.70 -3.12
CA GLN E 15 16.73 25.65 -2.86
C GLN E 15 16.99 24.94 -1.54
N VAL E 16 15.96 24.73 -0.74
CA VAL E 16 16.19 24.01 0.52
C VAL E 16 15.17 22.86 0.59
N SER E 17 15.47 21.86 1.40
CA SER E 17 14.57 20.71 1.59
C SER E 17 14.12 20.72 3.05
N LEU E 18 12.82 20.54 3.33
CA LEU E 18 12.40 20.51 4.73
C LEU E 18 12.24 19.05 5.11
N ARG E 19 12.65 18.71 6.33
CA ARG E 19 12.60 17.34 6.77
C ARG E 19 11.79 17.15 8.03
N VAL E 20 11.05 16.04 8.07
CA VAL E 20 10.29 15.70 9.27
C VAL E 20 10.89 14.42 9.81
N ARG E 21 10.88 14.31 11.14
CA ARG E 21 11.43 13.17 11.85
C ARG E 21 10.55 11.93 11.70
N ASP E 22 11.09 10.91 11.02
CA ASP E 22 10.37 9.65 10.83
C ASP E 22 11.37 8.53 11.11
N ARG E 23 11.42 7.53 10.24
CA ARG E 23 12.40 6.47 10.44
C ARG E 23 13.78 7.04 10.06
N TYR E 24 13.73 8.22 9.42
CA TYR E 24 14.89 8.99 8.99
C TYR E 24 14.35 10.41 8.80
N TRP E 25 15.22 11.38 8.53
CA TRP E 25 14.76 12.74 8.29
C TRP E 25 14.22 12.83 6.88
N MET E 26 12.92 12.58 6.77
CA MET E 26 12.25 12.52 5.49
C MET E 26 11.80 13.86 4.91
N HIS E 27 12.09 14.02 3.62
CA HIS E 27 11.72 15.22 2.86
C HIS E 27 10.19 15.27 2.77
N PHE E 28 9.60 16.44 3.00
CA PHE E 28 8.15 16.58 2.86
C PHE E 28 7.84 17.87 2.09
N CYS E 29 8.76 18.82 2.06
CA CYS E 29 8.51 20.05 1.30
C CYS E 29 9.79 20.73 0.92
N GLY E 30 9.65 21.65 -0.02
CA GLY E 30 10.78 22.45 -0.45
C GLY E 30 10.67 23.80 0.25
N GLY E 31 11.67 24.66 0.02
CA GLY E 31 11.71 25.98 0.61
C GLY E 31 12.84 26.74 -0.06
N SER E 32 13.04 28.00 0.30
CA SER E 32 14.09 28.77 -0.34
C SER E 32 14.83 29.73 0.61
N LEU E 33 16.13 29.84 0.43
CA LEU E 33 16.93 30.75 1.25
C LEU E 33 16.78 32.16 0.68
N ILE E 34 15.99 33.01 1.34
CA ILE E 34 15.79 34.39 0.86
C ILE E 34 16.62 35.38 1.67
N HIS E 35 17.28 34.87 2.71
CA HIS E 35 18.15 35.67 3.59
C HIS E 35 19.02 34.66 4.32
N PRO E 36 20.28 35.01 4.63
CA PRO E 36 21.18 34.09 5.34
C PRO E 36 20.57 33.34 6.52
N GLN E 37 19.55 33.92 7.15
CA GLN E 37 18.96 33.26 8.31
C GLN E 37 17.46 32.97 8.16
N TRP E 38 16.95 33.12 6.94
CA TRP E 38 15.53 32.91 6.68
C TRP E 38 15.17 32.05 5.48
N VAL E 39 14.23 31.13 5.68
CA VAL E 39 13.74 30.29 4.61
C VAL E 39 12.26 30.61 4.31
N LEU E 40 11.92 30.79 3.05
CA LEU E 40 10.54 31.06 2.66
C LEU E 40 9.94 29.71 2.25
N THR E 41 8.69 29.44 2.61
CA THR E 41 8.08 28.18 2.25
C THR E 41 6.56 28.35 2.25
N ALA E 42 5.85 27.24 2.12
CA ALA E 42 4.38 27.29 2.11
C ALA E 42 3.80 27.07 3.46
N ALA E 43 2.80 27.87 3.79
CA ALA E 43 2.15 27.70 5.08
C ALA E 43 1.63 26.28 5.24
N HIS E 44 0.95 25.72 4.24
CA HIS E 44 0.41 24.37 4.41
C HIS E 44 1.46 23.30 4.69
N CYS E 45 2.72 23.60 4.46
CA CYS E 45 3.81 22.64 4.71
C CYS E 45 4.11 22.55 6.20
N VAL E 46 3.97 23.65 6.90
N VAL E 46 4.08 23.68 6.87
CA VAL E 46 4.20 23.68 8.35
CA VAL E 46 4.40 23.76 8.30
C VAL E 46 2.84 23.63 9.03
C VAL E 46 3.20 23.87 9.21
N GLY E 47 1.85 23.21 8.26
N GLY E 47 2.03 24.18 8.66
CA GLY E 47 0.50 23.10 8.81
CA GLY E 47 0.84 24.30 9.49
C GLY E 47 0.22 21.62 8.96
C GLY E 47 -0.29 23.59 8.79
N PRO E 48 -0.97 21.24 9.46
N PRO E 48 -1.55 23.99 9.01
CA PRO E 48 -2.08 22.10 9.89
CA PRO E 48 -2.06 25.08 9.87
C PRO E 48 -1.91 22.76 11.25
C PRO E 48 -1.85 24.88 11.38
N ASP E 49 -1.45 21.99 12.23
N ASP E 49 -1.64 23.64 11.83
CA ASP E 49 -1.29 22.52 13.59
CA ASP E 49 -1.43 23.35 13.25
C ASP E 49 0.06 23.14 13.86
C ASP E 49 0.00 23.69 13.65
N VAL E 50 0.19 23.79 15.02
N VAL E 50 0.16 24.10 14.91
CA VAL E 50 1.46 24.38 15.41
CA VAL E 50 1.48 24.45 15.41
C VAL E 50 2.40 23.21 15.60
C VAL E 50 2.38 23.22 15.57
N LYS E 51 3.51 23.24 14.87
CA LYS E 51 4.49 22.17 14.91
C LYS E 51 5.49 22.27 16.04
N ASP E 52 5.92 21.10 16.49
CA ASP E 52 6.96 20.96 17.52
C ASP E 52 8.23 21.10 16.69
N LEU E 53 9.01 22.15 16.93
CA LEU E 53 10.23 22.35 16.18
C LEU E 53 11.21 21.19 16.24
N ALA E 54 11.16 20.40 17.31
CA ALA E 54 12.06 19.26 17.46
C ALA E 54 11.90 18.22 16.33
N THR E 55 10.75 18.22 15.67
CA THR E 55 10.51 17.25 14.62
C THR E 55 10.84 17.75 13.23
N LEU E 56 11.47 18.91 13.11
CA LEU E 56 11.75 19.48 11.80
C LEU E 56 13.19 19.92 11.61
N ARG E 57 13.67 19.82 10.38
CA ARG E 57 15.02 20.25 10.07
C ARG E 57 15.05 20.83 8.66
N VAL E 58 16.06 21.66 8.40
CA VAL E 58 16.24 22.28 7.11
C VAL E 58 17.53 21.77 6.49
N GLN E 59 17.48 21.47 5.20
CA GLN E 59 18.66 21.00 4.47
C GLN E 59 18.89 21.98 3.33
N LEU E 60 20.07 22.59 3.29
CA LEU E 60 20.40 23.54 2.23
C LEU E 60 20.77 22.78 0.99
N ARG E 61 20.86 23.51 -0.11
CA ARG E 61 21.18 22.94 -1.40
C ARG E 61 22.10 21.73 -1.40
N GLU E 62 21.58 20.62 -1.88
CA GLU E 62 22.36 19.42 -2.03
C GLU E 62 21.91 18.86 -3.36
N GLN E 63 22.74 18.03 -3.98
CA GLN E 63 22.39 17.49 -5.28
C GLN E 63 21.46 16.28 -5.15
N HIS E 64 21.64 15.51 -4.08
CA HIS E 64 20.83 14.34 -3.84
C HIS E 64 20.34 14.36 -2.39
N LEU E 65 19.10 13.95 -2.17
CA LEU E 65 18.54 13.95 -0.81
C LEU E 65 19.06 12.81 0.03
N TYR E 66 19.41 13.12 1.27
CA TYR E 66 19.89 12.17 2.27
C TYR E 66 21.36 11.79 2.20
N TYR E 67 21.97 11.92 1.02
CA TYR E 67 23.36 11.55 0.85
C TYR E 67 24.38 12.34 1.68
N GLN E 68 24.43 13.66 1.53
CA GLN E 68 25.40 14.45 2.29
C GLN E 68 24.74 15.43 3.24
N ASP E 69 23.71 14.97 3.96
CA ASP E 69 22.97 15.83 4.87
C ASP E 69 23.77 16.56 5.95
N GLN E 70 23.41 17.82 6.14
CA GLN E 70 23.99 18.70 7.16
C GLN E 70 22.74 19.43 7.64
N LEU E 71 21.94 18.74 8.45
CA LEU E 71 20.67 19.29 8.92
C LEU E 71 20.75 20.48 9.86
N LEU E 72 19.88 21.45 9.62
CA LEU E 72 19.86 22.66 10.45
C LEU E 72 18.57 22.78 11.25
N PRO E 73 18.68 23.07 12.55
CA PRO E 73 17.44 23.20 13.31
C PRO E 73 16.77 24.53 13.00
N VAL E 74 15.48 24.62 13.33
CA VAL E 74 14.70 25.83 13.09
C VAL E 74 14.39 26.60 14.37
N SER E 75 14.74 27.89 14.39
CA SER E 75 14.51 28.72 15.57
C SER E 75 13.00 28.95 15.78
N ARG E 76 12.33 29.49 14.77
CA ARG E 76 10.90 29.67 14.88
C ARG E 76 10.24 29.63 13.49
N ILE E 77 8.92 29.39 13.54
CA ILE E 77 8.12 29.32 12.33
C ILE E 77 7.06 30.40 12.39
N ILE E 78 6.92 31.15 11.31
CA ILE E 78 5.91 32.20 11.25
C ILE E 78 5.03 31.94 10.03
N VAL E 79 3.78 31.59 10.30
CA VAL E 79 2.84 31.30 9.25
C VAL E 79 1.91 32.52 9.06
N HIS E 80 1.64 32.89 7.82
CA HIS E 80 0.77 34.06 7.59
C HIS E 80 -0.52 33.81 8.36
N PRO E 81 -0.91 34.77 9.20
CA PRO E 81 -2.13 34.65 10.01
C PRO E 81 -3.45 34.52 9.24
N GLN E 82 -3.51 34.95 7.99
CA GLN E 82 -4.75 34.78 7.22
C GLN E 82 -4.87 33.35 6.71
N PHE E 83 -3.87 32.51 6.97
CA PHE E 83 -3.91 31.13 6.51
C PHE E 83 -4.72 30.17 7.38
N TYR E 84 -5.49 29.26 6.76
CA TYR E 84 -6.22 28.26 7.53
C TYR E 84 -6.48 26.96 6.79
N ILE E 85 -6.78 25.91 7.55
CA ILE E 85 -7.03 24.57 7.03
C ILE E 85 -8.04 24.59 5.89
N ILE E 86 -7.78 23.79 4.87
CA ILE E 86 -8.69 23.71 3.73
C ILE E 86 -9.09 25.08 3.21
N GLN E 87 -8.09 25.74 2.68
CA GLN E 87 -8.22 27.06 2.08
C GLN E 87 -6.82 27.15 1.51
N THR E 88 -6.71 27.71 0.32
CA THR E 88 -5.43 27.79 -0.34
C THR E 88 -4.87 29.20 -0.37
N GLY E 89 -5.64 30.17 0.10
CA GLY E 89 -5.14 31.54 0.10
C GLY E 89 -4.07 31.82 1.15
N ALA E 90 -3.28 32.86 0.93
CA ALA E 90 -2.22 33.23 1.88
C ALA E 90 -1.35 32.03 2.28
N ASP E 91 -1.08 31.16 1.32
CA ASP E 91 -0.26 29.97 1.59
C ASP E 91 1.22 30.35 1.55
N ILE E 92 1.72 30.86 2.68
CA ILE E 92 3.10 31.31 2.74
C ILE E 92 3.60 31.32 4.18
N ALA E 93 4.87 30.97 4.38
CA ALA E 93 5.42 30.93 5.73
C ALA E 93 6.91 31.22 5.76
N LEU E 94 7.43 31.45 6.98
CA LEU E 94 8.85 31.75 7.19
C LEU E 94 9.49 30.89 8.27
N LEU E 95 10.70 30.44 7.98
CA LEU E 95 11.45 29.64 8.92
C LEU E 95 12.71 30.42 9.28
N GLU E 96 12.87 30.74 10.57
CA GLU E 96 14.08 31.41 11.01
C GLU E 96 15.10 30.32 11.41
N LEU E 97 16.31 30.34 10.83
CA LEU E 97 17.31 29.35 11.22
C LEU E 97 17.91 29.86 12.51
N GLU E 98 18.49 28.95 13.30
CA GLU E 98 19.10 29.31 14.57
C GLU E 98 20.27 30.19 14.30
N GLU E 99 20.91 29.95 13.17
CA GLU E 99 22.08 30.74 12.84
C GLU E 99 22.11 31.08 11.35
N PRO E 100 22.73 32.22 11.01
CA PRO E 100 22.77 32.56 9.59
C PRO E 100 23.74 31.61 8.90
N VAL E 101 23.41 31.18 7.70
CA VAL E 101 24.29 30.26 7.00
C VAL E 101 25.43 30.95 6.29
N ASN E 102 26.50 30.21 6.05
CA ASN E 102 27.64 30.77 5.34
C ASN E 102 27.26 30.87 3.88
N ILE E 103 27.28 32.09 3.37
CA ILE E 103 26.93 32.31 1.97
C ILE E 103 28.09 31.96 1.05
N SER E 104 27.81 31.23 -0.02
CA SER E 104 28.83 30.87 -0.99
C SER E 104 28.21 30.87 -2.38
N SER E 105 29.01 30.54 -3.40
CA SER E 105 28.48 30.52 -4.75
C SER E 105 27.64 29.27 -4.92
N ARG E 106 27.91 28.28 -4.10
CA ARG E 106 27.19 27.01 -4.15
C ARG E 106 25.94 27.10 -3.28
N VAL E 107 25.92 28.03 -2.34
CA VAL E 107 24.77 28.16 -1.46
C VAL E 107 24.48 29.59 -1.04
N HIS E 108 23.54 30.25 -1.73
CA HIS E 108 23.22 31.62 -1.37
C HIS E 108 21.74 31.94 -1.59
N THR E 109 21.33 33.14 -1.20
CA THR E 109 19.93 33.52 -1.29
C THR E 109 19.39 33.85 -2.68
N VAL E 110 18.07 33.87 -2.81
CA VAL E 110 17.46 34.22 -4.08
C VAL E 110 16.81 35.58 -3.84
N MET E 111 16.88 36.43 -4.85
CA MET E 111 16.33 37.77 -4.73
C MET E 111 14.82 37.80 -4.89
N LEU E 112 14.16 38.59 -4.06
CA LEU E 112 12.71 38.73 -4.13
C LEU E 112 12.46 39.81 -5.15
N PRO E 113 11.35 39.71 -5.87
CA PRO E 113 11.00 40.71 -6.88
C PRO E 113 10.46 42.01 -6.29
N PRO E 114 10.49 43.10 -7.07
CA PRO E 114 9.97 44.40 -6.62
C PRO E 114 8.46 44.29 -6.71
N ALA E 115 7.73 45.05 -5.87
CA ALA E 115 6.27 44.99 -5.86
C ALA E 115 5.60 45.15 -7.23
N SER E 116 6.28 45.81 -8.14
CA SER E 116 5.73 46.10 -9.47
C SER E 116 5.81 44.98 -10.51
N GLU E 117 6.65 43.97 -10.26
CA GLU E 117 6.76 42.87 -11.21
C GLU E 117 5.54 41.95 -11.24
N THR E 118 4.91 41.84 -12.42
CA THR E 118 3.74 41.01 -12.55
C THR E 118 4.00 39.61 -13.08
N PHE E 119 5.22 39.37 -13.57
CA PHE E 119 5.58 38.05 -14.11
C PHE E 119 4.51 37.63 -15.11
N PRO E 120 4.39 38.38 -16.22
CA PRO E 120 3.40 38.07 -17.26
C PRO E 120 3.77 36.91 -18.16
N PRO E 121 2.79 36.37 -18.89
CA PRO E 121 3.05 35.25 -19.79
C PRO E 121 4.26 35.48 -20.71
N GLY E 122 5.02 34.42 -20.94
CA GLY E 122 6.19 34.52 -21.80
C GLY E 122 7.48 34.62 -21.02
N MET E 123 7.36 35.00 -19.74
CA MET E 123 8.53 35.11 -18.90
C MET E 123 9.15 33.72 -18.77
N PRO E 124 10.47 33.60 -18.88
CA PRO E 124 11.06 32.27 -18.75
C PRO E 124 11.25 31.93 -17.27
N CYS E 125 10.56 30.91 -16.79
CA CYS E 125 10.69 30.57 -15.38
C CYS E 125 10.86 29.09 -15.16
N TRP E 126 11.51 28.77 -14.05
CA TRP E 126 11.75 27.40 -13.68
C TRP E 126 11.22 27.15 -12.28
N VAL E 127 10.76 25.93 -12.04
CA VAL E 127 10.35 25.56 -10.72
C VAL E 127 11.22 24.34 -10.40
N THR E 128 11.66 24.23 -9.15
CA THR E 128 12.55 23.14 -8.75
C THR E 128 12.09 22.36 -7.54
N GLY E 129 12.57 21.13 -7.42
CA GLY E 129 12.16 20.35 -6.28
C GLY E 129 12.51 18.88 -6.35
N TRP E 130 12.12 18.18 -5.31
CA TRP E 130 12.38 16.79 -5.16
C TRP E 130 11.08 16.04 -5.07
N GLY E 131 10.00 16.64 -5.58
CA GLY E 131 8.69 16.00 -5.55
C GLY E 131 8.43 14.90 -6.57
N ASP E 132 7.17 14.48 -6.67
CA ASP E 132 6.78 13.42 -7.58
C ASP E 132 7.07 13.77 -9.04
N VAL E 133 7.50 12.79 -9.82
CA VAL E 133 7.81 13.05 -11.22
C VAL E 133 6.60 12.87 -12.10
N ASP E 134 5.49 12.51 -11.48
CA ASP E 134 4.22 12.34 -12.16
C ASP E 134 3.20 11.97 -11.09
N ASN E 135 1.91 11.94 -11.44
CA ASN E 135 0.86 11.59 -10.48
C ASN E 135 1.12 10.24 -9.79
N ASP E 136 1.20 10.26 -8.46
CA ASP E 136 1.43 9.04 -7.69
C ASP E 136 2.73 8.35 -8.07
N GLU E 137 3.73 9.12 -8.47
CA GLU E 137 5.00 8.53 -8.84
C GLU E 137 6.10 9.36 -8.21
N PRO E 138 6.62 8.91 -7.05
CA PRO E 138 7.68 9.67 -6.36
C PRO E 138 9.02 9.71 -7.07
N LEU E 139 9.82 10.73 -6.75
CA LEU E 139 11.15 10.83 -7.32
C LEU E 139 11.87 9.54 -6.90
N PRO E 140 12.56 8.86 -7.82
CA PRO E 140 13.26 7.61 -7.47
C PRO E 140 14.67 7.84 -6.94
N PRO E 141 15.22 6.85 -6.22
CA PRO E 141 16.59 7.03 -5.72
C PRO E 141 17.44 7.28 -6.98
N PRO E 142 18.54 8.05 -6.88
CA PRO E 142 19.13 8.71 -5.70
C PRO E 142 18.59 10.10 -5.31
N PHE E 143 17.37 10.40 -5.76
CA PHE E 143 16.68 11.65 -5.41
C PHE E 143 17.38 12.92 -5.89
N PRO E 144 17.70 13.01 -7.19
CA PRO E 144 18.37 14.22 -7.67
C PRO E 144 17.42 15.42 -7.66
N LEU E 145 17.94 16.61 -7.40
CA LEU E 145 17.10 17.80 -7.43
C LEU E 145 16.69 18.00 -8.91
N LYS E 146 15.41 18.22 -9.19
CA LYS E 146 14.98 18.42 -10.59
C LYS E 146 14.49 19.85 -10.89
N GLN E 147 14.45 20.20 -12.18
CA GLN E 147 13.98 21.52 -12.60
C GLN E 147 13.16 21.39 -13.88
N VAL E 148 12.22 22.30 -14.10
CA VAL E 148 11.44 22.24 -15.32
C VAL E 148 10.97 23.66 -15.65
N LYS E 149 11.10 24.03 -16.91
CA LYS E 149 10.67 25.37 -17.33
C LYS E 149 9.15 25.29 -17.38
N VAL E 150 8.46 26.26 -16.79
CA VAL E 150 7.00 26.25 -16.83
C VAL E 150 6.40 27.52 -17.37
N PRO E 151 5.48 27.41 -18.35
CA PRO E 151 4.88 28.63 -18.89
C PRO E 151 3.95 29.29 -17.89
N ILE E 152 3.98 30.63 -17.87
CA ILE E 152 3.13 31.40 -17.01
C ILE E 152 1.79 31.59 -17.72
N MET E 153 0.71 31.59 -16.96
CA MET E 153 -0.61 31.84 -17.51
C MET E 153 -1.20 32.99 -16.70
N GLU E 154 -1.72 34.01 -17.40
CA GLU E 154 -2.31 35.19 -16.77
C GLU E 154 -3.44 34.76 -15.85
N ASN E 155 -3.53 35.39 -14.69
CA ASN E 155 -4.53 35.00 -13.71
C ASN E 155 -5.95 34.72 -14.18
N HIS E 156 -6.52 35.65 -14.94
CA HIS E 156 -7.89 35.49 -15.45
C HIS E 156 -8.03 34.32 -16.40
N ILE E 157 -7.06 34.15 -17.30
CA ILE E 157 -7.09 33.04 -18.25
C ILE E 157 -7.03 31.72 -17.46
N CYS E 158 -6.25 31.77 -16.39
CA CYS E 158 -6.03 30.64 -15.53
C CYS E 158 -7.32 30.31 -14.79
N ASP E 159 -7.95 31.35 -14.26
CA ASP E 159 -9.20 31.22 -13.53
C ASP E 159 -10.22 30.56 -14.46
N ALA E 160 -10.25 31.01 -15.72
CA ALA E 160 -11.20 30.43 -16.66
C ALA E 160 -10.89 28.98 -16.96
N LYS E 161 -9.63 28.60 -16.93
CA LYS E 161 -9.34 27.18 -17.20
C LYS E 161 -9.93 26.31 -16.10
N TYR E 162 -9.70 26.74 -14.87
CA TYR E 162 -10.18 25.99 -13.72
C TYR E 162 -11.69 25.86 -13.67
N HIS E 163 -12.41 26.69 -14.43
CA HIS E 163 -13.87 26.60 -14.48
C HIS E 163 -14.30 25.59 -15.56
N LEU E 164 -13.38 25.21 -16.43
CA LEU E 164 -13.69 24.26 -17.48
C LEU E 164 -13.89 22.87 -16.92
N GLY E 165 -15.06 22.32 -17.15
CA GLY E 165 -15.36 20.98 -16.69
C GLY E 165 -15.53 20.93 -15.19
N ALA E 166 -15.91 22.06 -14.61
CA ALA E 166 -16.13 22.15 -13.18
C ALA E 166 -17.55 22.69 -12.94
N TYR E 167 -18.11 22.49 -11.76
CA TYR E 167 -19.47 22.97 -11.46
C TYR E 167 -19.47 24.38 -10.95
N THR E 168 -18.30 24.84 -10.54
CA THR E 168 -18.19 26.17 -10.00
C THR E 168 -18.77 27.21 -10.94
N GLY E 169 -19.44 28.21 -10.38
CA GLY E 169 -20.04 29.27 -11.16
C GLY E 169 -19.03 30.21 -11.79
N ASP E 170 -19.30 30.64 -13.03
CA ASP E 170 -18.40 31.55 -13.76
C ASP E 170 -18.04 32.82 -13.01
N ASP E 171 -18.97 33.29 -12.18
CA ASP E 171 -18.78 34.49 -11.38
C ASP E 171 -17.98 34.21 -10.13
N VAL E 172 -17.83 32.92 -9.80
CA VAL E 172 -17.08 32.54 -8.62
C VAL E 172 -15.60 32.46 -8.96
N ARG E 173 -14.80 33.26 -8.28
CA ARG E 173 -13.36 33.31 -8.54
C ARG E 173 -12.61 32.15 -7.90
N ILE E 174 -11.86 31.42 -8.71
CA ILE E 174 -11.09 30.32 -8.19
C ILE E 174 -9.65 30.77 -7.95
N ILE E 175 -9.06 31.44 -8.93
CA ILE E 175 -7.68 31.93 -8.78
C ILE E 175 -7.74 33.36 -8.27
N ARG E 176 -7.09 33.64 -7.14
CA ARG E 176 -7.11 34.97 -6.54
C ARG E 176 -5.89 35.82 -6.82
N ASP E 177 -5.95 37.11 -6.48
CA ASP E 177 -4.81 38.00 -6.79
C ASP E 177 -3.48 37.66 -6.12
N ASP E 178 -3.55 36.91 -5.03
CA ASP E 178 -2.35 36.52 -4.30
C ASP E 178 -1.79 35.23 -4.87
N MET E 179 -2.34 34.84 -6.03
CA MET E 179 -1.91 33.64 -6.73
C MET E 179 -1.27 33.94 -8.10
N LEU E 180 -0.59 32.93 -8.64
CA LEU E 180 0.12 32.99 -9.92
C LEU E 180 0.06 31.61 -10.54
N CYS E 181 -0.13 31.55 -11.85
CA CYS E 181 -0.26 30.26 -12.52
C CYS E 181 0.86 29.93 -13.47
N ALA E 182 1.39 28.71 -13.42
CA ALA E 182 2.41 28.28 -14.36
C ALA E 182 2.38 26.76 -14.51
N GLY E 183 2.75 26.30 -15.71
CA GLY E 183 2.77 24.89 -16.02
C GLY E 183 1.77 24.49 -17.10
N ASN E 184 1.97 23.31 -17.67
CA ASN E 184 1.05 22.82 -18.68
C ASN E 184 0.95 21.31 -18.53
N SER E 185 0.36 20.62 -19.50
CA SER E 185 0.18 19.18 -19.39
C SER E 185 1.46 18.40 -19.61
N GLN E 186 2.56 19.11 -19.73
CA GLN E 186 3.83 18.44 -19.91
C GLN E 186 4.75 18.80 -18.80
N ARG E 187 4.65 20.04 -18.32
CA ARG E 187 5.56 20.51 -17.30
C ARG E 187 4.89 21.16 -16.12
N ASP E 188 5.31 20.76 -14.93
CA ASP E 188 4.67 21.27 -13.72
C ASP E 188 5.38 20.78 -12.47
N SER E 189 4.98 21.32 -11.32
CA SER E 189 5.50 20.87 -10.05
C SER E 189 4.46 19.82 -9.61
N CYS E 190 4.69 19.20 -8.45
CA CYS E 190 3.78 18.17 -7.97
C CYS E 190 4.01 17.93 -6.46
N LYS E 191 3.30 16.97 -5.90
CA LYS E 191 3.43 16.59 -4.49
C LYS E 191 4.91 16.53 -4.11
N GLY E 192 5.29 17.18 -3.01
CA GLY E 192 6.68 17.16 -2.62
C GLY E 192 7.49 18.36 -3.05
N ASP E 193 6.99 19.11 -4.04
CA ASP E 193 7.67 20.32 -4.52
C ASP E 193 7.20 21.51 -3.71
N SER E 194 6.02 21.35 -3.12
CA SER E 194 5.36 22.33 -2.28
C SER E 194 6.32 23.18 -1.45
N GLY E 195 6.04 24.48 -1.41
CA GLY E 195 6.87 25.41 -0.67
C GLY E 195 8.15 25.77 -1.39
N GLY E 196 8.43 25.07 -2.48
CA GLY E 196 9.63 25.34 -3.26
C GLY E 196 9.49 26.58 -4.08
N PRO E 197 10.55 26.98 -4.79
CA PRO E 197 10.45 28.20 -5.59
C PRO E 197 10.19 28.09 -7.08
N LEU E 198 9.52 29.13 -7.59
CA LEU E 198 9.29 29.31 -8.99
C LEU E 198 10.13 30.56 -9.20
N VAL E 199 11.19 30.46 -9.99
CA VAL E 199 12.01 31.63 -10.22
C VAL E 199 12.03 31.97 -11.68
N CYS E 200 12.04 33.26 -11.96
CA CYS E 200 12.04 33.74 -13.33
C CYS E 200 13.27 34.61 -13.57
N LYS E 201 13.78 34.53 -14.78
CA LYS E 201 14.94 35.28 -15.19
C LYS E 201 14.43 36.61 -15.75
N VAL E 202 14.63 37.68 -14.99
CA VAL E 202 14.17 39.00 -15.38
C VAL E 202 15.36 39.95 -15.53
N ASN E 203 15.57 40.44 -16.76
CA ASN E 203 16.67 41.38 -17.05
C ASN E 203 17.99 40.91 -16.44
N GLY E 204 18.39 39.68 -16.80
CA GLY E 204 19.63 39.13 -16.30
C GLY E 204 19.63 38.63 -14.86
N THR E 205 18.55 38.88 -14.12
CA THR E 205 18.54 38.41 -12.72
C THR E 205 17.40 37.45 -12.34
N TRP E 206 17.73 36.44 -11.52
CA TRP E 206 16.75 35.49 -11.05
C TRP E 206 15.95 36.08 -9.92
N LEU E 207 14.63 36.07 -10.06
CA LEU E 207 13.73 36.58 -9.04
C LEU E 207 12.70 35.50 -8.69
N GLN E 208 12.44 35.31 -7.40
CA GLN E 208 11.47 34.31 -7.02
C GLN E 208 10.07 34.90 -7.18
N ALA E 209 9.32 34.35 -8.13
CA ALA E 209 7.97 34.80 -8.43
C ALA E 209 6.94 34.10 -7.55
N GLY E 210 7.20 32.82 -7.25
CA GLY E 210 6.23 32.10 -6.45
C GLY E 210 6.72 30.97 -5.58
N VAL E 211 5.81 30.49 -4.75
CA VAL E 211 6.04 29.39 -3.83
C VAL E 211 5.10 28.27 -4.29
N VAL E 212 5.61 27.05 -4.50
CA VAL E 212 4.72 25.97 -4.95
C VAL E 212 3.59 25.77 -3.95
N SER E 213 2.34 25.89 -4.40
CA SER E 213 1.20 25.72 -3.48
C SER E 213 0.25 24.58 -3.75
N TRP E 214 -0.45 24.64 -4.88
CA TRP E 214 -1.41 23.58 -5.14
C TRP E 214 -1.76 23.54 -6.59
N GLY E 215 -2.70 22.66 -6.92
CA GLY E 215 -3.14 22.50 -8.29
C GLY E 215 -4.02 21.27 -8.31
N GLU E 216 -4.80 21.09 -9.36
CA GLU E 216 -5.64 19.89 -9.47
C GLU E 216 -4.80 18.89 -10.24
N GLY E 217 -4.38 17.83 -9.58
CA GLY E 217 -3.54 16.84 -10.22
C GLY E 217 -2.18 17.49 -10.49
N CYS E 218 -1.37 16.84 -11.32
CA CYS E 218 -0.07 17.37 -11.66
C CYS E 218 0.07 17.23 -13.16
N ALA E 219 0.32 18.35 -13.84
CA ALA E 219 0.48 18.33 -15.29
C ALA E 219 -0.82 17.86 -15.94
N GLN E 220 -1.95 18.20 -15.31
CA GLN E 220 -3.23 17.78 -15.85
C GLN E 220 -3.72 18.85 -16.82
N PRO E 221 -4.39 18.45 -17.91
CA PRO E 221 -4.93 19.36 -18.94
C PRO E 221 -5.79 20.47 -18.36
N ASN E 222 -5.54 21.69 -18.81
CA ASN E 222 -6.30 22.86 -18.35
C ASN E 222 -6.26 23.09 -16.85
N ARG E 223 -5.22 22.59 -16.20
CA ARG E 223 -5.09 22.77 -14.76
C ARG E 223 -3.66 23.10 -14.41
N PRO E 224 -3.23 24.33 -14.75
CA PRO E 224 -1.85 24.71 -14.43
C PRO E 224 -1.58 24.74 -12.93
N GLY E 225 -0.31 24.63 -12.54
CA GLY E 225 0.04 24.66 -11.12
C GLY E 225 -0.21 26.04 -10.53
N ILE E 226 -0.63 26.09 -9.26
CA ILE E 226 -0.89 27.38 -8.65
C ILE E 226 0.17 27.72 -7.61
N TYR E 227 0.71 28.91 -7.72
CA TYR E 227 1.75 29.35 -6.82
C TYR E 227 1.31 30.55 -6.01
N THR E 228 1.89 30.70 -4.82
CA THR E 228 1.59 31.84 -3.98
C THR E 228 2.43 32.92 -4.62
N ARG E 229 1.79 34.05 -4.94
CA ARG E 229 2.47 35.15 -5.60
C ARG E 229 3.30 35.93 -4.60
N VAL E 230 4.62 35.89 -4.72
CA VAL E 230 5.51 36.56 -3.77
C VAL E 230 5.35 38.07 -3.64
N THR E 231 5.17 38.79 -4.74
CA THR E 231 5.05 40.23 -4.63
C THR E 231 3.90 40.63 -3.72
N TYR E 232 2.83 39.86 -3.73
CA TYR E 232 1.66 40.16 -2.91
C TYR E 232 1.92 40.18 -1.41
N TYR E 233 2.94 39.44 -0.98
CA TYR E 233 3.26 39.35 0.43
C TYR E 233 4.57 40.01 0.85
N LEU E 234 5.11 40.89 0.02
CA LEU E 234 6.38 41.53 0.37
C LEU E 234 6.34 42.31 1.68
N ASP E 235 5.24 43.01 1.98
CA ASP E 235 5.22 43.78 3.22
C ASP E 235 5.24 42.88 4.44
N TRP E 236 4.55 41.76 4.34
CA TRP E 236 4.50 40.79 5.44
C TRP E 236 5.85 40.15 5.65
N ILE E 237 6.52 39.81 4.54
CA ILE E 237 7.82 39.16 4.63
C ILE E 237 8.84 40.09 5.23
N HIS E 238 8.82 41.34 4.76
CA HIS E 238 9.75 42.35 5.23
C HIS E 238 9.47 42.78 6.67
N HIS E 239 8.36 42.34 7.20
CA HIS E 239 8.03 42.66 8.57
C HIS E 239 8.91 41.81 9.47
N TYR E 240 9.45 40.72 8.91
CA TYR E 240 10.29 39.77 9.66
C TYR E 240 11.72 39.63 9.18
N VAL E 241 11.88 39.54 7.86
CA VAL E 241 13.19 39.35 7.26
C VAL E 241 13.86 40.68 6.96
N PRO E 242 15.08 40.90 7.47
CA PRO E 242 15.82 42.15 7.24
C PRO E 242 16.18 42.33 5.76
N LYS E 243 16.42 43.58 5.36
CA LYS E 243 16.76 43.88 3.97
C LYS E 243 18.27 43.71 3.69
C ACE F 1 -4.03 16.62 -5.30
O ACE F 1 -4.20 16.94 -6.47
CH3 ACE F 1 -3.70 15.20 -4.93
N LEU F 2 -4.13 17.49 -4.30
CA LEU F 2 -4.43 18.90 -4.53
C LEU F 2 -3.35 19.79 -3.95
N LEU F 3 -3.22 19.80 -2.62
CA LEU F 3 -2.14 20.58 -2.02
C LEU F 3 -0.85 19.87 -2.44
N AR7 F 4 0.17 20.66 -2.79
CA AR7 F 4 1.46 20.12 -3.18
C AR7 F 4 2.50 20.28 -2.01
O AR7 F 4 1.87 19.91 -0.78
CB AR7 F 4 1.95 20.83 -4.45
CG AR7 F 4 1.05 20.60 -5.63
CD AR7 F 4 1.53 21.23 -6.92
NE AR7 F 4 0.64 20.85 -8.01
CZ AR7 F 4 0.69 21.36 -9.23
NH1 AR7 F 4 1.60 22.30 -9.55
NH2 AR7 F 4 -0.20 20.93 -10.14
N ILE G 1 19.64 -6.12 6.99
CA ILE G 1 20.54 -6.75 8.01
C ILE G 1 19.91 -6.34 9.34
N VAL G 2 19.69 -7.30 10.23
CA VAL G 2 19.08 -6.99 11.52
C VAL G 2 20.11 -6.94 12.67
N GLY G 3 20.02 -5.88 13.48
CA GLY G 3 20.89 -5.71 14.63
C GLY G 3 22.34 -5.32 14.38
N GLY G 4 22.64 -4.81 13.19
CA GLY G 4 24.02 -4.47 12.93
C GLY G 4 24.28 -3.00 12.93
N GLN G 5 25.35 -2.63 12.26
CA GLN G 5 25.70 -1.25 12.16
C GLN G 5 26.21 -1.03 10.74
N GLU G 6 26.39 0.23 10.40
CA GLU G 6 26.88 0.58 9.08
C GLU G 6 28.29 0.07 8.96
N ALA G 7 28.63 -0.49 7.80
CA ALA G 7 29.98 -1.02 7.62
C ALA G 7 30.98 0.09 7.27
N PRO G 8 32.24 -0.04 7.74
CA PRO G 8 33.27 0.97 7.44
C PRO G 8 33.54 0.86 5.94
N ARG G 9 34.01 1.94 5.33
CA ARG G 9 34.27 1.94 3.89
C ARG G 9 35.29 0.90 3.44
N SER G 10 36.20 0.53 4.32
CA SER G 10 37.23 -0.42 3.94
C SER G 10 36.87 -1.91 4.09
N LYS G 11 35.67 -2.23 4.60
CA LYS G 11 35.29 -3.63 4.78
C LYS G 11 34.43 -4.17 3.66
N TRP G 12 34.48 -5.50 3.49
CA TRP G 12 33.69 -6.20 2.48
C TRP G 12 33.83 -5.65 1.06
N PRO G 13 35.08 -5.54 0.56
CA PRO G 13 35.33 -5.00 -0.79
C PRO G 13 34.72 -5.86 -1.89
N TRP G 14 34.17 -7.00 -1.50
CA TRP G 14 33.62 -7.94 -2.47
C TRP G 14 32.10 -7.92 -2.57
N GLN G 15 31.45 -7.10 -1.75
CA GLN G 15 29.99 -7.01 -1.76
C GLN G 15 29.45 -6.36 -3.03
N VAL G 16 28.43 -6.96 -3.63
CA VAL G 16 27.82 -6.35 -4.80
C VAL G 16 26.33 -6.27 -4.57
N SER G 17 25.67 -5.41 -5.35
CA SER G 17 24.24 -5.24 -5.26
C SER G 17 23.71 -5.62 -6.64
N LEU G 18 22.62 -6.39 -6.71
CA LEU G 18 22.03 -6.75 -8.00
C LEU G 18 20.85 -5.82 -8.18
N ARG G 19 20.71 -5.26 -9.38
CA ARG G 19 19.63 -4.32 -9.67
C ARG G 19 18.73 -4.79 -10.79
N VAL G 20 17.44 -4.49 -10.67
CA VAL G 20 16.51 -4.83 -11.72
C VAL G 20 15.88 -3.50 -12.22
N ARG G 21 15.56 -3.43 -13.51
CA ARG G 21 14.98 -2.22 -14.08
C ARG G 21 13.50 -2.04 -13.70
N ASP G 22 13.18 -0.91 -13.06
CA ASP G 22 11.80 -0.59 -12.62
C ASP G 22 11.65 0.89 -12.20
N ARG G 23 11.72 1.82 -13.15
CA ARG G 23 11.62 3.26 -12.86
C ARG G 23 13.04 3.74 -12.53
N TYR G 24 13.81 2.83 -11.94
CA TYR G 24 15.23 3.07 -11.62
C TYR G 24 15.85 1.69 -11.40
N TRP G 25 17.18 1.61 -11.40
CA TRP G 25 17.89 0.33 -11.18
C TRP G 25 17.80 -0.03 -9.73
N MET G 26 16.75 -0.78 -9.41
CA MET G 26 16.44 -1.15 -8.05
C MET G 26 17.08 -2.43 -7.52
N HIS G 27 17.67 -2.31 -6.32
CA HIS G 27 18.31 -3.39 -5.60
C HIS G 27 17.25 -4.43 -5.25
N PHE G 28 17.60 -5.70 -5.42
CA PHE G 28 16.70 -6.77 -5.08
C PHE G 28 17.49 -7.87 -4.38
N CYS G 29 18.79 -7.90 -4.57
CA CYS G 29 19.60 -8.95 -3.91
C CYS G 29 21.02 -8.49 -3.87
N GLY G 30 21.83 -9.24 -3.11
CA GLY G 30 23.24 -8.96 -3.01
C GLY G 30 23.97 -10.10 -3.72
N GLY G 31 25.29 -10.02 -3.77
CA GLY G 31 26.08 -11.05 -4.39
C GLY G 31 27.48 -10.76 -3.91
N SER G 32 28.47 -11.52 -4.37
CA SER G 32 29.84 -11.28 -3.95
C SER G 32 30.76 -11.48 -5.14
N LEU G 33 31.85 -10.73 -5.17
CA LEU G 33 32.80 -10.87 -6.27
C LEU G 33 33.77 -11.99 -5.91
N ILE G 34 33.68 -13.13 -6.59
CA ILE G 34 34.56 -14.25 -6.27
C ILE G 34 35.68 -14.46 -7.26
N HIS G 35 35.68 -13.65 -8.32
CA HIS G 35 36.67 -13.66 -9.39
C HIS G 35 36.42 -12.34 -10.11
N PRO G 36 37.46 -11.74 -10.71
CA PRO G 36 37.31 -10.46 -11.43
C PRO G 36 36.15 -10.36 -12.37
N GLN G 37 35.78 -11.48 -12.98
CA GLN G 37 34.68 -11.49 -13.92
C GLN G 37 33.45 -12.28 -13.43
N TRP G 38 33.46 -12.78 -12.20
CA TRP G 38 32.30 -13.54 -11.72
C TRP G 38 31.70 -13.11 -10.40
N VAL G 39 30.38 -13.24 -10.33
CA VAL G 39 29.66 -12.87 -9.13
C VAL G 39 28.90 -14.08 -8.60
N LEU G 40 28.98 -14.30 -7.29
CA LEU G 40 28.26 -15.44 -6.68
C LEU G 40 27.02 -14.85 -6.06
N THR G 41 25.88 -15.53 -6.17
CA THR G 41 24.65 -15.02 -5.59
C THR G 41 23.72 -16.19 -5.30
N ALA G 42 22.46 -15.89 -5.00
CA ALA G 42 21.52 -16.97 -4.73
C ALA G 42 20.71 -17.21 -5.98
N ALA G 43 20.40 -18.47 -6.24
CA ALA G 43 19.61 -18.81 -7.40
C ALA G 43 18.21 -18.21 -7.40
N HIS G 44 17.58 -18.11 -6.24
CA HIS G 44 16.22 -17.60 -6.21
C HIS G 44 16.15 -16.10 -6.53
N CYS G 45 17.31 -15.45 -6.51
CA CYS G 45 17.36 -14.02 -6.83
C CYS G 45 17.23 -13.82 -8.32
N VAL G 46 17.80 -14.72 -9.11
N VAL G 46 17.78 -14.76 -9.10
CA VAL G 46 17.70 -14.61 -10.56
CA VAL G 46 17.75 -14.64 -10.56
C VAL G 46 16.62 -15.54 -11.05
C VAL G 46 17.00 -15.79 -11.24
N GLY G 47 15.63 -15.74 -10.19
N GLY G 47 16.02 -16.37 -10.55
CA GLY G 47 14.49 -16.59 -10.50
CA GLY G 47 15.24 -17.47 -11.10
C GLY G 47 13.29 -15.70 -10.30
C GLY G 47 14.01 -17.82 -10.28
N PRO G 48 12.04 -16.18 -10.49
N PRO G 48 13.43 -19.01 -10.49
CA PRO G 48 11.59 -17.52 -10.88
CA PRO G 48 13.94 -19.97 -11.47
C PRO G 48 12.01 -18.10 -12.24
C PRO G 48 13.59 -19.61 -12.94
N ASP G 49 11.91 -17.30 -13.30
N ASP G 49 12.83 -18.54 -13.16
CA ASP G 49 12.23 -17.79 -14.64
CA ASP G 49 12.46 -18.07 -14.50
C ASP G 49 13.55 -17.31 -15.24
C ASP G 49 13.65 -17.41 -15.19
N VAL G 50 13.82 -17.73 -16.47
N VAL G 50 13.93 -17.87 -16.40
CA VAL G 50 15.03 -17.31 -17.17
CA VAL G 50 15.03 -17.31 -17.16
C VAL G 50 14.83 -15.83 -17.49
C VAL G 50 14.79 -15.83 -17.41
N LYS G 51 15.68 -14.99 -16.91
CA LYS G 51 15.56 -13.55 -17.07
C LYS G 51 16.19 -12.97 -18.33
N ASP G 52 15.58 -11.89 -18.84
CA ASP G 52 16.11 -11.18 -19.99
C ASP G 52 17.24 -10.36 -19.35
N LEU G 53 18.47 -10.64 -19.76
CA LEU G 53 19.64 -9.99 -19.23
C LEU G 53 19.66 -8.45 -19.32
N ALA G 54 18.93 -7.88 -20.26
CA ALA G 54 18.87 -6.42 -20.42
C ALA G 54 18.18 -5.74 -19.24
N THR G 55 17.46 -6.52 -18.43
CA THR G 55 16.77 -5.96 -17.28
C THR G 55 17.59 -6.12 -16.01
N LEU G 56 18.84 -6.55 -16.14
CA LEU G 56 19.65 -6.75 -14.97
C LEU G 56 20.99 -6.04 -14.99
N ARG G 57 21.43 -5.55 -13.82
CA ARG G 57 22.73 -4.90 -13.71
C ARG G 57 23.43 -5.27 -12.40
N VAL G 58 24.74 -5.10 -12.36
CA VAL G 58 25.52 -5.39 -11.17
C VAL G 58 26.24 -4.11 -10.72
N GLN G 59 26.25 -3.88 -9.41
CA GLN G 59 26.92 -2.70 -8.85
C GLN G 59 27.95 -3.22 -7.88
N LEU G 60 29.20 -2.81 -8.11
CA LEU G 60 30.27 -3.24 -7.23
C LEU G 60 30.15 -2.45 -5.96
N ARG G 61 30.91 -2.83 -4.95
CA ARG G 61 30.84 -2.17 -3.66
C ARG G 61 30.70 -0.64 -3.63
N GLU G 62 29.63 -0.17 -3.02
CA GLU G 62 29.35 1.26 -2.85
C GLU G 62 29.02 1.32 -1.38
N GLN G 63 29.30 2.44 -0.74
CA GLN G 63 28.95 2.58 0.67
C GLN G 63 27.46 2.82 0.76
N HIS G 64 26.92 3.63 -0.14
CA HIS G 64 25.50 3.95 -0.15
C HIS G 64 24.88 3.51 -1.46
N LEU G 65 23.74 2.84 -1.38
CA LEU G 65 23.05 2.34 -2.56
C LEU G 65 22.52 3.48 -3.43
N TYR G 66 22.65 3.37 -4.76
CA TYR G 66 22.15 4.36 -5.70
C TYR G 66 22.94 5.66 -5.95
N TYR G 67 23.64 6.15 -4.93
CA TYR G 67 24.35 7.40 -5.12
C TYR G 67 25.50 7.49 -6.10
N GLN G 68 26.46 6.57 -6.02
CA GLN G 68 27.57 6.66 -6.97
C GLN G 68 27.62 5.45 -7.89
N ASP G 69 26.47 5.08 -8.41
CA ASP G 69 26.35 3.94 -9.30
C ASP G 69 27.22 4.00 -10.53
N GLN G 70 27.68 2.82 -10.93
CA GLN G 70 28.47 2.58 -12.13
C GLN G 70 28.03 1.17 -12.48
N LEU G 71 26.82 1.09 -13.01
CA LEU G 71 26.21 -0.19 -13.30
C LEU G 71 26.94 -1.04 -14.33
N LEU G 72 27.01 -2.33 -14.07
CA LEU G 72 27.70 -3.23 -14.99
C LEU G 72 26.73 -4.23 -15.54
N PRO G 73 26.67 -4.35 -16.87
CA PRO G 73 25.77 -5.30 -17.53
C PRO G 73 26.33 -6.70 -17.29
N VAL G 74 25.46 -7.68 -17.46
CA VAL G 74 25.80 -9.08 -17.26
C VAL G 74 25.89 -9.83 -18.57
N SER G 75 26.87 -10.72 -18.67
CA SER G 75 27.09 -11.51 -19.86
C SER G 75 26.36 -12.85 -19.85
N ARG G 76 26.31 -13.48 -18.68
CA ARG G 76 25.68 -14.77 -18.62
C ARG G 76 25.21 -15.07 -17.20
N ILE G 77 24.10 -15.78 -17.09
CA ILE G 77 23.58 -16.14 -15.78
C ILE G 77 23.54 -17.67 -15.71
N ILE G 78 24.15 -18.22 -14.68
CA ILE G 78 24.19 -19.66 -14.52
C ILE G 78 23.59 -20.08 -13.19
N VAL G 79 22.48 -20.79 -13.25
CA VAL G 79 21.78 -21.23 -12.07
C VAL G 79 21.95 -22.73 -11.88
N HIS G 80 22.24 -23.13 -10.65
CA HIS G 80 22.44 -24.53 -10.40
C HIS G 80 21.25 -25.29 -10.92
N PRO G 81 21.49 -26.29 -11.77
CA PRO G 81 20.37 -27.06 -12.32
C PRO G 81 19.51 -27.84 -11.31
N GLN G 82 19.95 -27.99 -10.07
CA GLN G 82 19.09 -28.69 -9.11
C GLN G 82 18.01 -27.80 -8.50
N PHE G 83 18.19 -26.49 -8.66
CA PHE G 83 17.26 -25.52 -8.13
C PHE G 83 15.92 -25.43 -8.87
N TYR G 84 14.82 -25.38 -8.12
CA TYR G 84 13.50 -25.20 -8.72
C TYR G 84 12.55 -24.41 -7.83
N ILE G 85 11.46 -23.94 -8.43
CA ILE G 85 10.45 -23.10 -7.80
C ILE G 85 9.87 -23.67 -6.47
N ILE G 86 9.85 -22.84 -5.43
CA ILE G 86 9.33 -23.26 -4.13
C ILE G 86 10.11 -24.43 -3.57
N GLN G 87 11.33 -24.16 -3.14
CA GLN G 87 12.19 -25.18 -2.57
C GLN G 87 13.56 -24.50 -2.40
N THR G 88 14.21 -24.83 -1.29
CA THR G 88 15.50 -24.25 -0.93
C THR G 88 16.63 -25.26 -0.91
N GLY G 89 17.05 -25.72 -2.06
CA GLY G 89 18.18 -26.63 -2.04
C GLY G 89 18.91 -26.10 -3.23
N ALA G 90 20.22 -26.23 -3.29
CA ALA G 90 20.93 -25.74 -4.45
C ALA G 90 20.59 -24.26 -4.74
N ASP G 91 20.49 -23.43 -3.70
CA ASP G 91 20.19 -22.01 -3.89
C ASP G 91 21.51 -21.30 -4.17
N ILE G 92 22.04 -21.49 -5.37
CA ILE G 92 23.31 -20.89 -5.74
C ILE G 92 23.36 -20.57 -7.23
N ALA G 93 23.93 -19.43 -7.59
CA ALA G 93 23.98 -19.05 -9.01
C ALA G 93 25.23 -18.25 -9.34
N LEU G 94 25.51 -18.12 -10.63
CA LEU G 94 26.69 -17.38 -11.08
C LEU G 94 26.34 -16.36 -12.16
N LEU G 95 26.93 -15.18 -12.02
CA LEU G 95 26.72 -14.11 -12.99
C LEU G 95 28.08 -13.80 -13.58
N GLU G 96 28.20 -13.89 -14.91
CA GLU G 96 29.46 -13.61 -15.57
C GLU G 96 29.42 -12.16 -16.07
N LEU G 97 30.39 -11.34 -15.66
CA LEU G 97 30.41 -9.95 -16.13
C LEU G 97 30.96 -9.97 -17.56
N GLU G 98 30.65 -8.97 -18.36
CA GLU G 98 31.12 -8.99 -19.74
C GLU G 98 32.62 -8.78 -19.84
N GLU G 99 33.19 -8.34 -18.75
CA GLU G 99 34.60 -8.07 -18.72
C GLU G 99 35.09 -7.99 -17.28
N PRO G 100 36.37 -8.33 -17.05
CA PRO G 100 36.94 -8.29 -15.71
C PRO G 100 36.84 -6.88 -15.13
N VAL G 101 36.65 -6.78 -13.82
CA VAL G 101 36.59 -5.47 -13.19
C VAL G 101 37.98 -5.13 -12.68
N ASN G 102 38.27 -3.85 -12.40
CA ASN G 102 39.58 -3.51 -11.87
C ASN G 102 39.63 -3.93 -10.43
N ILE G 103 40.75 -4.52 -10.04
CA ILE G 103 40.92 -4.98 -8.67
C ILE G 103 41.68 -3.94 -7.87
N SER G 104 41.20 -3.64 -6.67
CA SER G 104 41.87 -2.66 -5.82
C SER G 104 41.67 -2.95 -4.34
N SER G 105 42.13 -2.04 -3.50
CA SER G 105 42.01 -2.20 -2.07
C SER G 105 40.54 -2.07 -1.67
N ARG G 106 39.82 -1.23 -2.40
CA ARG G 106 38.41 -0.98 -2.11
C ARG G 106 37.45 -1.97 -2.76
N VAL G 107 37.86 -2.58 -3.86
CA VAL G 107 37.02 -3.53 -4.57
C VAL G 107 37.88 -4.71 -5.02
N HIS G 108 37.61 -5.90 -4.48
CA HIS G 108 38.37 -7.09 -4.88
C HIS G 108 37.63 -8.34 -4.48
N THR G 109 38.18 -9.51 -4.80
CA THR G 109 37.49 -10.78 -4.52
C THR G 109 37.56 -11.32 -3.10
N VAL G 110 36.59 -12.16 -2.74
CA VAL G 110 36.60 -12.83 -1.44
C VAL G 110 37.00 -14.26 -1.79
N MET G 111 37.83 -14.86 -0.93
CA MET G 111 38.31 -16.22 -1.12
C MET G 111 37.26 -17.29 -0.84
N LEU G 112 37.20 -18.31 -1.68
CA LEU G 112 36.26 -19.40 -1.47
C LEU G 112 36.94 -20.31 -0.43
N PRO G 113 36.15 -20.97 0.42
CA PRO G 113 36.74 -21.84 1.44
C PRO G 113 37.23 -23.18 0.89
N PRO G 114 38.22 -23.78 1.57
CA PRO G 114 38.71 -25.08 1.11
C PRO G 114 37.58 -26.05 1.48
N ALA G 115 37.44 -27.13 0.72
CA ALA G 115 36.38 -28.12 0.89
C ALA G 115 36.23 -28.68 2.29
N SER G 116 37.31 -28.72 3.04
CA SER G 116 37.32 -29.25 4.40
C SER G 116 36.84 -28.29 5.51
N GLU G 117 36.63 -27.02 5.18
CA GLU G 117 36.21 -26.10 6.23
C GLU G 117 34.72 -26.27 6.52
N THR G 118 34.40 -26.62 7.77
CA THR G 118 33.01 -26.81 8.13
C THR G 118 32.40 -25.59 8.82
N PHE G 119 33.25 -24.66 9.23
CA PHE G 119 32.76 -23.46 9.92
C PHE G 119 31.93 -23.90 11.11
N PRO G 120 32.59 -24.50 12.12
CA PRO G 120 31.89 -24.96 13.31
C PRO G 120 31.45 -23.82 14.21
N PRO G 121 30.56 -24.11 15.15
CA PRO G 121 30.10 -23.08 16.06
C PRO G 121 31.30 -22.42 16.74
N GLY G 122 31.24 -21.12 16.93
CA GLY G 122 32.34 -20.42 17.59
C GLY G 122 33.16 -19.59 16.64
N MET G 123 33.05 -19.94 15.36
CA MET G 123 33.75 -19.27 14.28
C MET G 123 33.15 -17.85 14.15
N PRO G 124 34.00 -16.83 14.00
CA PRO G 124 33.53 -15.45 13.86
C PRO G 124 33.08 -15.11 12.44
N CYS G 125 31.80 -14.90 12.24
CA CYS G 125 31.27 -14.60 10.90
C CYS G 125 30.40 -13.38 10.85
N TRP G 126 30.30 -12.81 9.66
CA TRP G 126 29.50 -11.62 9.47
C TRP G 126 28.72 -11.82 8.21
N VAL G 127 27.55 -11.21 8.15
CA VAL G 127 26.76 -11.25 6.94
C VAL G 127 26.54 -9.78 6.61
N THR G 128 26.63 -9.43 5.32
CA THR G 128 26.47 -8.03 4.94
C THR G 128 25.43 -7.73 3.89
N GLY G 129 24.94 -6.50 3.88
CA GLY G 129 23.94 -6.20 2.87
C GLY G 129 23.12 -4.95 3.08
N TRP G 130 22.19 -4.77 2.15
CA TRP G 130 21.32 -3.61 2.13
C TRP G 130 19.86 -3.94 2.41
N GLY G 131 19.62 -5.16 2.87
CA GLY G 131 18.26 -5.56 3.16
C GLY G 131 17.64 -4.86 4.34
N ASP G 132 16.42 -5.29 4.63
CA ASP G 132 15.61 -4.78 5.71
C ASP G 132 16.30 -4.86 7.07
N VAL G 133 16.04 -3.89 7.95
CA VAL G 133 16.69 -3.87 9.26
C VAL G 133 15.90 -4.57 10.35
N ASP G 134 14.69 -4.98 9.98
CA ASP G 134 13.82 -5.74 10.85
C ASP G 134 12.69 -6.21 9.96
N ASN G 135 11.76 -6.99 10.50
CA ASN G 135 10.65 -7.48 9.66
C ASN G 135 9.78 -6.34 9.14
N ASP G 136 9.53 -6.39 7.84
CA ASP G 136 8.69 -5.39 7.20
C ASP G 136 9.21 -3.98 7.49
N GLU G 137 10.52 -3.89 7.73
CA GLU G 137 11.18 -2.60 8.00
C GLU G 137 12.38 -2.46 7.10
N PRO G 138 12.25 -1.72 5.99
CA PRO G 138 13.32 -1.49 5.03
C PRO G 138 14.42 -0.57 5.53
N LEU G 139 15.60 -0.72 4.93
CA LEU G 139 16.75 0.12 5.23
C LEU G 139 16.37 1.52 4.75
N PRO G 140 16.52 2.53 5.63
CA PRO G 140 16.17 3.90 5.23
C PRO G 140 17.27 4.57 4.42
N PRO G 141 16.92 5.65 3.69
CA PRO G 141 17.94 6.35 2.91
C PRO G 141 18.91 6.93 3.95
N PRO G 142 20.17 7.20 3.60
CA PRO G 142 20.85 6.99 2.32
C PRO G 142 21.25 5.57 1.95
N PHE G 143 20.66 4.57 2.60
CA PHE G 143 20.93 3.16 2.29
C PHE G 143 22.38 2.74 2.48
N PRO G 144 22.91 2.85 3.71
CA PRO G 144 24.29 2.44 3.93
C PRO G 144 24.40 0.92 3.98
N LEU G 145 25.55 0.40 3.57
CA LEU G 145 25.76 -1.03 3.60
C LEU G 145 25.91 -1.42 5.08
N LYS G 146 25.15 -2.40 5.54
CA LYS G 146 25.23 -2.83 6.93
C LYS G 146 25.91 -4.19 7.09
N GLN G 147 26.37 -4.44 8.31
CA GLN G 147 27.05 -5.69 8.66
C GLN G 147 26.61 -6.17 10.04
N VAL G 148 26.76 -7.46 10.31
CA VAL G 148 26.40 -7.93 11.63
C VAL G 148 27.09 -9.26 11.88
N LYS G 149 27.62 -9.44 13.08
CA LYS G 149 28.30 -10.67 13.44
C LYS G 149 27.19 -11.66 13.83
N VAL G 150 27.21 -12.85 13.23
CA VAL G 150 26.18 -13.83 13.51
C VAL G 150 26.80 -15.11 13.97
N PRO G 151 26.26 -15.71 15.05
CA PRO G 151 26.86 -16.98 15.50
C PRO G 151 26.38 -18.15 14.67
N ILE G 152 27.28 -19.11 14.49
CA ILE G 152 27.01 -20.30 13.74
C ILE G 152 26.30 -21.30 14.64
N MET G 153 25.37 -22.06 14.08
CA MET G 153 24.66 -23.07 14.81
C MET G 153 24.86 -24.35 14.02
N GLU G 154 25.40 -25.38 14.69
CA GLU G 154 25.67 -26.68 14.10
C GLU G 154 24.42 -27.17 13.36
N ASN G 155 24.60 -27.68 12.16
CA ASN G 155 23.45 -28.12 11.36
C ASN G 155 22.34 -28.94 12.05
N HIS G 156 22.72 -29.97 12.80
CA HIS G 156 21.75 -30.83 13.46
C HIS G 156 20.95 -30.07 14.51
N ILE G 157 21.64 -29.23 15.28
CA ILE G 157 21.01 -28.43 16.32
C ILE G 157 20.09 -27.41 15.65
N CYS G 158 20.49 -26.96 14.47
CA CYS G 158 19.70 -25.99 13.72
C CYS G 158 18.40 -26.67 13.29
N ASP G 159 18.54 -27.84 12.68
CA ASP G 159 17.40 -28.62 12.22
C ASP G 159 16.44 -28.87 13.37
N ALA G 160 16.95 -29.21 14.55
CA ALA G 160 16.03 -29.42 15.68
C ALA G 160 15.33 -28.12 16.05
N LYS G 161 16.06 -27.02 16.01
CA LYS G 161 15.43 -25.74 16.36
C LYS G 161 14.23 -25.46 15.47
N TYR G 162 14.38 -25.75 14.18
CA TYR G 162 13.32 -25.52 13.20
C TYR G 162 12.14 -26.50 13.33
N HIS G 163 12.24 -27.45 14.25
CA HIS G 163 11.14 -28.36 14.49
C HIS G 163 10.40 -27.89 15.74
N LEU G 164 11.03 -27.02 16.53
CA LEU G 164 10.38 -26.48 17.72
C LEU G 164 9.24 -25.60 17.29
N GLY G 165 8.03 -25.93 17.72
CA GLY G 165 6.89 -25.11 17.35
C GLY G 165 6.33 -25.39 15.96
N ALA G 166 6.77 -26.46 15.31
CA ALA G 166 6.26 -26.82 13.99
C ALA G 166 5.61 -28.21 13.99
N TYR G 167 4.78 -28.45 12.97
CA TYR G 167 4.07 -29.73 12.81
C TYR G 167 4.95 -30.81 12.23
N THR G 168 6.06 -30.41 11.63
CA THR G 168 6.95 -31.34 10.98
C THR G 168 7.49 -32.48 11.82
N GLY G 169 7.55 -33.67 11.22
CA GLY G 169 8.06 -34.82 11.94
C GLY G 169 9.55 -34.71 12.24
N ASP G 170 9.93 -35.08 13.46
CA ASP G 170 11.32 -35.03 13.90
C ASP G 170 12.25 -35.73 12.95
N ASP G 171 11.76 -36.83 12.37
CA ASP G 171 12.54 -37.63 11.42
C ASP G 171 12.59 -36.98 10.04
N VAL G 172 11.89 -35.87 9.85
CA VAL G 172 11.90 -35.20 8.56
C VAL G 172 12.92 -34.06 8.63
N ARG G 173 13.96 -34.15 7.80
CA ARG G 173 15.02 -33.11 7.77
C ARG G 173 14.54 -31.82 7.14
N ILE G 174 14.79 -30.71 7.83
CA ILE G 174 14.44 -29.42 7.27
C ILE G 174 15.72 -28.76 6.77
N ILE G 175 16.75 -28.76 7.60
CA ILE G 175 18.01 -28.15 7.22
C ILE G 175 18.85 -29.26 6.61
N ARG G 176 19.25 -29.07 5.34
CA ARG G 176 20.03 -30.07 4.59
C ARG G 176 21.54 -29.82 4.65
N ASP G 177 22.33 -30.80 4.20
CA ASP G 177 23.80 -30.70 4.22
C ASP G 177 24.39 -29.62 3.33
N ASP G 178 23.64 -29.19 2.35
CA ASP G 178 24.12 -28.14 1.47
C ASP G 178 23.78 -26.77 2.06
N MET G 179 23.27 -26.77 3.30
CA MET G 179 22.92 -25.55 4.01
C MET G 179 23.83 -25.30 5.20
N LEU G 180 23.74 -24.10 5.77
CA LEU G 180 24.53 -23.67 6.92
C LEU G 180 23.65 -22.72 7.74
N CYS G 181 23.82 -22.72 9.06
CA CYS G 181 22.99 -21.87 9.93
C CYS G 181 23.73 -20.87 10.76
N ALA G 182 23.24 -19.63 10.76
CA ALA G 182 23.85 -18.59 11.55
C ALA G 182 22.83 -17.54 11.97
N GLY G 183 23.10 -16.91 13.11
CA GLY G 183 22.23 -15.85 13.64
C GLY G 183 21.43 -16.23 14.88
N ASN G 184 20.82 -15.24 15.51
CA ASN G 184 19.98 -15.46 16.67
C ASN G 184 18.88 -14.40 16.65
N SER G 185 18.08 -14.32 17.71
CA SER G 185 16.97 -13.36 17.74
C SER G 185 17.38 -11.90 17.83
N GLN G 186 18.67 -11.63 17.77
CA GLN G 186 19.12 -10.25 17.80
C GLN G 186 19.91 -9.89 16.53
N ARG G 187 20.49 -10.90 15.89
CA ARG G 187 21.33 -10.65 14.74
C ARG G 187 21.03 -11.57 13.60
N ASP G 188 20.78 -11.00 12.44
CA ASP G 188 20.42 -11.84 11.32
C ASP G 188 20.38 -11.07 10.01
N SER G 189 20.33 -11.79 8.90
CA SER G 189 20.19 -11.11 7.61
C SER G 189 18.67 -11.11 7.40
N CYS G 190 18.20 -10.58 6.28
CA CYS G 190 16.76 -10.49 6.08
C CYS G 190 16.48 -10.11 4.62
N LYS G 191 15.20 -10.03 4.27
CA LYS G 191 14.78 -9.65 2.90
C LYS G 191 15.68 -8.54 2.36
N GLY G 192 16.17 -8.72 1.13
CA GLY G 192 17.04 -7.71 0.53
C GLY G 192 18.50 -8.11 0.64
N ASP G 193 18.78 -8.99 1.60
CA ASP G 193 20.14 -9.49 1.81
C ASP G 193 20.48 -10.73 1.01
N SER G 194 19.46 -11.37 0.48
CA SER G 194 19.59 -12.58 -0.31
C SER G 194 20.68 -12.53 -1.38
N GLY G 195 21.41 -13.64 -1.49
CA GLY G 195 22.46 -13.75 -2.47
C GLY G 195 23.74 -13.12 -1.98
N GLY G 196 23.64 -12.42 -0.85
CA GLY G 196 24.79 -11.77 -0.27
C GLY G 196 25.64 -12.77 0.46
N PRO G 197 26.84 -12.36 0.85
CA PRO G 197 27.81 -13.20 1.55
C PRO G 197 27.81 -13.29 3.06
N LEU G 198 28.12 -14.48 3.55
CA LEU G 198 28.32 -14.71 4.98
C LEU G 198 29.81 -15.03 5.00
N VAL G 199 30.64 -14.20 5.63
CA VAL G 199 32.07 -14.53 5.64
C VAL G 199 32.58 -14.77 7.06
N CYS G 200 33.53 -15.69 7.19
CA CYS G 200 34.11 -16.00 8.49
C CYS G 200 35.62 -15.83 8.41
N LYS G 201 36.22 -15.35 9.48
CA LYS G 201 37.66 -15.17 9.48
C LYS G 201 38.24 -16.47 10.04
N VAL G 202 39.14 -17.07 9.24
CA VAL G 202 39.78 -18.32 9.57
C VAL G 202 41.30 -18.13 9.49
N ASN G 203 41.94 -18.13 10.65
CA ASN G 203 43.39 -17.94 10.72
C ASN G 203 43.81 -16.70 9.92
N GLY G 204 43.16 -15.58 10.22
CA GLY G 204 43.50 -14.32 9.56
C GLY G 204 42.97 -14.07 8.16
N THR G 205 42.37 -15.07 7.52
CA THR G 205 41.85 -14.84 6.16
C THR G 205 40.34 -14.90 6.11
N TRP G 206 39.74 -14.02 5.31
CA TRP G 206 38.29 -14.02 5.16
C TRP G 206 37.90 -15.08 4.14
N LEU G 207 36.88 -15.88 4.48
CA LEU G 207 36.42 -16.95 3.59
C LEU G 207 34.93 -16.87 3.45
N GLN G 208 34.41 -17.09 2.25
CA GLN G 208 32.95 -17.04 2.14
C GLN G 208 32.35 -18.39 2.50
N ALA G 209 31.73 -18.43 3.67
CA ALA G 209 31.10 -19.65 4.17
C ALA G 209 29.72 -19.87 3.55
N GLY G 210 28.96 -18.79 3.37
CA GLY G 210 27.64 -18.97 2.80
C GLY G 210 27.05 -17.84 1.98
N VAL G 211 25.92 -18.17 1.33
CA VAL G 211 25.18 -17.21 0.51
C VAL G 211 23.85 -17.03 1.23
N VAL G 212 23.43 -15.78 1.51
CA VAL G 212 22.14 -15.57 2.19
C VAL G 212 21.02 -16.22 1.37
N SER G 213 20.24 -17.11 1.99
CA SER G 213 19.17 -17.82 1.28
C SER G 213 17.74 -17.62 1.83
N TRP G 214 17.48 -18.11 3.03
CA TRP G 214 16.14 -17.95 3.57
C TRP G 214 16.16 -18.09 5.06
N GLY G 215 14.95 -18.03 5.61
CA GLY G 215 14.76 -18.17 7.04
C GLY G 215 13.29 -17.94 7.34
N GLU G 216 12.83 -18.36 8.51
CA GLU G 216 11.44 -18.11 8.86
C GLU G 216 11.52 -16.75 9.56
N GLY G 217 10.97 -15.72 8.93
CA GLY G 217 11.04 -14.41 9.53
C GLY G 217 12.47 -13.91 9.55
N CYS G 218 12.74 -12.87 10.33
CA CYS G 218 14.08 -12.31 10.43
C CYS G 218 14.42 -12.10 11.89
N ALA G 219 15.52 -12.73 12.34
CA ALA G 219 15.94 -12.63 13.73
C ALA G 219 14.85 -13.18 14.64
N GLN G 220 14.14 -14.20 14.16
CA GLN G 220 13.07 -14.82 14.93
C GLN G 220 13.58 -15.92 15.87
N PRO G 221 13.00 -16.04 17.07
CA PRO G 221 13.39 -17.05 18.07
C PRO G 221 13.38 -18.48 17.52
N ASN G 222 14.44 -19.22 17.80
CA ASN G 222 14.60 -20.60 17.32
C ASN G 222 14.54 -20.75 15.81
N ARG G 223 14.89 -19.69 15.09
CA ARG G 223 14.87 -19.71 13.64
C ARG G 223 16.07 -18.99 13.02
N PRO G 224 17.25 -19.56 13.18
CA PRO G 224 18.48 -18.97 12.62
C PRO G 224 18.32 -18.71 11.13
N GLY G 225 19.13 -17.82 10.57
CA GLY G 225 19.09 -17.57 9.14
C GLY G 225 19.74 -18.76 8.44
N ILE G 226 19.26 -19.11 7.25
CA ILE G 226 19.78 -20.22 6.49
C ILE G 226 20.54 -19.77 5.26
N TYR G 227 21.77 -20.26 5.14
CA TYR G 227 22.64 -19.91 4.01
C TYR G 227 22.96 -21.15 3.19
N THR G 228 23.32 -20.94 1.94
CA THR G 228 23.74 -22.03 1.09
C THR G 228 25.20 -22.24 1.46
N ARG G 229 25.55 -23.48 1.79
CA ARG G 229 26.92 -23.83 2.16
C ARG G 229 27.73 -23.87 0.88
N VAL G 230 28.71 -22.99 0.79
CA VAL G 230 29.52 -22.88 -0.40
C VAL G 230 30.40 -24.10 -0.69
N THR G 231 31.02 -24.67 0.34
CA THR G 231 31.89 -25.81 0.18
C THR G 231 31.21 -26.92 -0.59
N TYR G 232 29.91 -27.05 -0.44
CA TYR G 232 29.16 -28.12 -1.08
C TYR G 232 29.08 -27.96 -2.59
N TYR G 233 29.23 -26.74 -3.05
CA TYR G 233 29.12 -26.46 -4.47
C TYR G 233 30.40 -26.00 -5.12
N LEU G 234 31.53 -26.32 -4.51
CA LEU G 234 32.81 -25.89 -5.08
C LEU G 234 33.07 -26.55 -6.43
N ASP G 235 32.74 -27.82 -6.58
CA ASP G 235 33.02 -28.43 -7.86
C ASP G 235 32.21 -27.79 -8.99
N TRP G 236 30.94 -27.50 -8.69
CA TRP G 236 30.06 -26.85 -9.66
C TRP G 236 30.61 -25.45 -9.95
N ILE G 237 30.97 -24.71 -8.91
CA ILE G 237 31.52 -23.38 -9.13
C ILE G 237 32.77 -23.45 -10.02
N HIS G 238 33.65 -24.41 -9.73
CA HIS G 238 34.90 -24.59 -10.49
C HIS G 238 34.69 -25.04 -11.95
N HIS G 239 33.48 -25.42 -12.32
CA HIS G 239 33.21 -25.81 -13.71
C HIS G 239 33.10 -24.53 -14.52
N TYR G 240 32.89 -23.39 -13.84
CA TYR G 240 32.72 -22.12 -14.54
C TYR G 240 33.76 -21.05 -14.18
N VAL G 241 34.08 -20.93 -12.91
CA VAL G 241 35.00 -19.91 -12.46
C VAL G 241 36.45 -20.37 -12.41
N PRO G 242 37.36 -19.71 -13.13
CA PRO G 242 38.78 -20.10 -13.13
C PRO G 242 39.42 -20.08 -11.74
C ACE H 1 9.37 -14.88 4.39
O ACE H 1 8.41 -15.37 3.92
CH3 ACE H 1 9.24 -13.49 4.99
N LEU H 2 10.54 -15.50 4.39
CA LEU H 2 10.82 -16.83 3.92
C LEU H 2 12.06 -16.69 3.04
N LEU H 3 11.91 -16.68 1.71
CA LEU H 3 13.07 -16.49 0.83
C LEU H 3 13.58 -15.08 1.05
N AR7 H 4 14.89 -14.92 1.20
CA AR7 H 4 15.48 -13.61 1.42
C AR7 H 4 16.18 -13.10 0.15
O AR7 H 4 15.30 -13.30 -0.96
CB AR7 H 4 16.45 -13.68 2.57
CG AR7 H 4 15.78 -14.06 3.85
CD AR7 H 4 16.78 -14.16 4.96
NE AR7 H 4 16.11 -14.46 6.20
CZ AR7 H 4 16.72 -14.74 7.35
NH1 AR7 H 4 18.04 -14.77 7.43
NH2 AR7 H 4 15.98 -15.02 8.40
C1 NAG I . 39.95 0.35 -14.82
C2 NAG I . 38.86 1.33 -15.25
C3 NAG I . 39.41 2.22 -16.37
C4 NAG I . 40.70 2.91 -15.90
C5 NAG I . 41.71 1.86 -15.44
C6 NAG I . 42.97 2.49 -14.84
C7 NAG I . 36.51 0.82 -15.23
C8 NAG I . 35.35 0.10 -15.92
N2 NAG I . 37.71 0.58 -15.72
O3 NAG I . 38.43 3.21 -16.76
O4 NAG I . 41.26 3.69 -16.96
O5 NAG I . 41.14 1.03 -14.40
O6 NAG I . 42.73 2.98 -13.53
O7 NAG I . 36.30 1.57 -14.28
C1 FUC I . 37.95 3.07 -18.07
C2 FUC I . 36.76 4.02 -18.31
C3 FUC I . 37.23 5.46 -18.47
C4 FUC I . 38.29 5.55 -19.57
C5 FUC I . 39.45 4.60 -19.21
C6 FUC I . 40.55 4.57 -20.24
O2 FUC I . 35.84 3.92 -17.24
O3 FUC I . 36.13 6.30 -18.79
O4 FUC I . 37.72 5.18 -20.83
O5 FUC I . 38.96 3.25 -19.06
O6 BU3 J . 5.65 -18.74 -20.82
C3 BU3 J . 6.77 -18.59 -19.94
C4 BU3 J . 7.89 -19.50 -20.41
C2 BU3 J . 6.37 -18.94 -18.47
O5 BU3 J . 5.14 -18.25 -18.10
C1 BU3 J . 7.48 -18.55 -17.51
C1 NAG K . -42.06 -0.57 -6.09
C2 NAG K . -41.07 -1.55 -6.77
C3 NAG K . -41.87 -2.52 -7.68
C4 NAG K . -42.89 -3.24 -6.79
C5 NAG K . -43.83 -2.21 -6.16
C6 NAG K . -44.92 -2.82 -5.27
C7 NAG K . -38.79 -0.95 -7.28
C8 NAG K . -37.84 -0.12 -8.11
N2 NAG K . -40.09 -0.80 -7.53
O3 NAG K . -40.99 -3.45 -8.30
O4 NAG K . -43.63 -4.19 -7.54
O5 NAG K . -43.07 -1.28 -5.35
O6 NAG K . -44.36 -3.56 -4.19
O7 NAG K . -38.36 -1.73 -6.43
O6 BU3 L . -5.92 19.87 20.69
C3 BU3 L . -4.98 20.26 19.69
C4 BU3 L . -4.63 21.73 19.87
C2 BU3 L . -5.58 20.03 18.27
O5 BU3 L . -6.18 18.73 18.21
C1 BU3 L . -4.49 20.15 17.21
O6 BU3 M . -9.37 19.36 -19.01
C3 BU3 M . -10.37 18.93 -18.07
C4 BU3 M . -11.59 19.86 -18.19
C2 BU3 M . -9.77 18.98 -16.63
O5 BU3 M . -8.53 18.26 -16.58
C1 BU3 M . -10.75 18.38 -15.63
O6 BU3 N . 9.95 -19.90 18.82
C3 BU3 N . 8.91 -20.30 17.90
C4 BU3 N . 8.77 -21.81 17.92
C2 BU3 N . 9.24 -19.80 16.47
O5 BU3 N . 9.70 -18.44 16.51
C1 BU3 N . 8.01 -19.91 15.57
#